data_4RN2
#
_entry.id   4RN2
#
_cell.length_a   53.764
_cell.length_b   84.712
_cell.length_c   94.139
_cell.angle_alpha   90.00
_cell.angle_beta   100.47
_cell.angle_gamma   90.00
#
_symmetry.space_group_name_H-M   'P 1 21 1'
#
loop_
_entity.id
_entity.type
_entity.pdbx_description
1 polymer 'Histone deacetylase 8'
2 non-polymer 'ZINC ION'
3 non-polymer 'POTASSIUM ION'
4 non-polymer (5R,8S,11S)-5-methyl-8-(propan-2-yl)-11-[(1E)-4-sulfanylbut-1-en-1-yl]-3-thia-7,10,14,17,21-pentaazatricyclo[14.3.1.1~2,5~]henicosa-1(20),2(21),16,18-tetraene-6,9,13-trione
5 water water
#
_entity_poly.entity_id   1
_entity_poly.type   'polypeptide(L)'
_entity_poly.pdbx_seq_one_letter_code
;MEEPEEPADSGQSLVPVYIYSPEYVSMCDSLAKIPKRADMVHSLIEAYALHKQMRIVKPKVASMEEMATFHTDAYLQHLQ
KVSQEGDDDHPDSIEYGLGYDCPATEGIFDYAAAIGGATITAAQCLIDGMCKVAINWSGGWHHAKKDEASGFCYLNDAVL
GILRLRRKFERILYVDLDLHHGDGVEDAFSFTSKVMTVSLHKFSPGFFPGTGDVSDVGLGKGRYYSVNVPIQDGIQDEKY
YQICESVLKEVYQAFNPKAVVLQLGADTIAGDPMCSFNMTPVGIGKCLKYILQWQLATLILGGGGYNLANTARCWTYLTG
VILGKTLSSEIPDHEFFTAYGPDYVLEITPSCRPDRNEPHRIQQILNYIKGNLKHVVIEGRGSHHHHHH
;
_entity_poly.pdbx_strand_id   A,B
#
# COMPACT_ATOMS: atom_id res chain seq x y z
N VAL A 15 -4.13 35.07 -15.07
CA VAL A 15 -4.02 33.81 -15.79
C VAL A 15 -3.15 32.82 -15.03
N PRO A 16 -3.69 31.62 -14.76
CA PRO A 16 -3.02 30.57 -13.98
C PRO A 16 -1.68 30.15 -14.57
N VAL A 17 -0.67 30.05 -13.72
CA VAL A 17 0.66 29.58 -14.14
C VAL A 17 0.72 28.06 -14.05
N TYR A 18 1.25 27.43 -15.10
CA TYR A 18 1.36 25.99 -15.17
C TYR A 18 2.83 25.58 -15.24
N ILE A 19 3.36 25.09 -14.14
CA ILE A 19 4.76 24.66 -14.09
C ILE A 19 4.97 23.42 -14.95
N TYR A 20 5.69 23.58 -16.06
CA TYR A 20 5.89 22.48 -16.98
C TYR A 20 7.17 22.61 -17.81
N SER A 21 7.79 21.47 -18.08
CA SER A 21 8.82 21.33 -19.09
C SER A 21 8.96 19.84 -19.37
N PRO A 22 9.23 19.48 -20.64
CA PRO A 22 9.42 18.07 -21.01
C PRO A 22 10.48 17.38 -20.16
N GLU A 23 11.51 18.12 -19.77
CA GLU A 23 12.57 17.59 -18.93
C GLU A 23 12.07 17.32 -17.52
N TYR A 24 11.22 18.22 -17.01
CA TYR A 24 10.67 18.10 -15.67
C TYR A 24 9.72 16.90 -15.56
N VAL A 25 8.89 16.72 -16.58
CA VAL A 25 7.96 15.59 -16.62
C VAL A 25 8.72 14.26 -16.67
N SER A 26 9.74 14.19 -17.53
CA SER A 26 10.57 13.00 -17.66
C SER A 26 11.25 12.63 -16.34
N MET A 27 11.72 13.65 -15.63
CA MET A 27 12.34 13.44 -14.33
C MET A 27 11.35 12.84 -13.33
N CYS A 28 10.16 13.43 -13.25
CA CYS A 28 9.13 12.98 -12.31
C CYS A 28 8.61 11.59 -12.65
N ASP A 29 8.70 11.22 -13.93
CA ASP A 29 8.23 9.90 -14.38
C ASP A 29 9.11 8.76 -13.90
N SER A 30 10.30 9.10 -13.40
CA SER A 30 11.29 8.08 -13.05
C SER A 30 11.08 7.49 -11.66
N LEU A 31 9.98 7.84 -11.01
CA LEU A 31 9.66 7.25 -9.71
C LEU A 31 8.95 5.92 -9.90
N ALA A 32 9.47 4.88 -9.26
CA ALA A 32 8.95 3.52 -9.43
C ALA A 32 7.54 3.36 -8.88
N LYS A 33 7.24 4.09 -7.81
CA LYS A 33 5.94 3.98 -7.16
C LYS A 33 4.83 4.60 -8.01
N ILE A 34 5.19 5.56 -8.86
CA ILE A 34 4.24 6.20 -9.75
C ILE A 34 4.81 6.37 -11.16
N PRO A 35 5.06 5.25 -11.85
CA PRO A 35 5.72 5.30 -13.16
C PRO A 35 4.91 6.03 -14.22
N LYS A 36 5.49 7.11 -14.75
CA LYS A 36 4.91 7.89 -15.85
C LYS A 36 3.60 8.60 -15.49
N ARG A 37 3.38 8.84 -14.20
CA ARG A 37 2.17 9.53 -13.77
C ARG A 37 2.18 10.98 -14.23
N ALA A 38 3.34 11.63 -14.12
CA ALA A 38 3.49 13.02 -14.51
C ALA A 38 3.20 13.22 -16.00
N ASP A 39 3.56 12.21 -16.79
CA ASP A 39 3.31 12.27 -18.23
C ASP A 39 1.84 12.03 -18.53
N MET A 40 1.22 11.11 -17.81
CA MET A 40 -0.21 10.84 -17.97
C MET A 40 -1.03 12.05 -17.55
N VAL A 41 -0.63 12.68 -16.45
CA VAL A 41 -1.30 13.88 -15.97
C VAL A 41 -1.18 15.01 -16.98
N HIS A 42 0.02 15.24 -17.49
CA HIS A 42 0.24 16.31 -18.45
C HIS A 42 -0.46 16.03 -19.79
N SER A 43 -0.34 14.80 -20.28
CA SER A 43 -0.90 14.44 -21.58
C SER A 43 -2.41 14.59 -21.61
N LEU A 44 -3.08 14.19 -20.54
CA LEU A 44 -4.53 14.31 -20.45
C LEU A 44 -4.93 15.79 -20.46
N ILE A 45 -4.24 16.59 -19.66
CA ILE A 45 -4.44 18.03 -19.63
C ILE A 45 -4.23 18.64 -21.02
N GLU A 46 -3.13 18.22 -21.66
CA GLU A 46 -2.81 18.69 -23.01
C GLU A 46 -3.87 18.26 -24.01
N ALA A 47 -4.40 17.06 -23.84
CA ALA A 47 -5.39 16.50 -24.76
C ALA A 47 -6.72 17.26 -24.67
N TYR A 48 -6.97 17.90 -23.54
CA TYR A 48 -8.13 18.76 -23.38
C TYR A 48 -7.78 20.20 -23.75
N ALA A 49 -6.54 20.40 -24.19
CA ALA A 49 -6.05 21.70 -24.62
C ALA A 49 -6.12 22.76 -23.52
N LEU A 50 -6.11 22.31 -22.27
CA LEU A 50 -6.18 23.22 -21.13
C LEU A 50 -4.88 24.03 -20.98
N HIS A 51 -3.80 23.50 -21.54
CA HIS A 51 -2.50 24.15 -21.43
C HIS A 51 -2.44 25.45 -22.24
N LYS A 52 -3.33 25.60 -23.19
CA LYS A 52 -3.39 26.80 -24.01
C LYS A 52 -4.02 27.97 -23.23
N GLN A 53 -4.72 27.64 -22.15
CA GLN A 53 -5.41 28.64 -21.35
C GLN A 53 -4.60 29.00 -20.10
N MET A 54 -3.35 28.55 -20.06
CA MET A 54 -2.49 28.79 -18.91
C MET A 54 -1.15 29.37 -19.35
N ARG A 55 -0.41 29.94 -18.38
CA ARG A 55 0.93 30.45 -18.65
C ARG A 55 1.98 29.41 -18.29
N ILE A 56 2.51 28.72 -19.31
CA ILE A 56 3.49 27.68 -19.09
C ILE A 56 4.84 28.26 -18.66
N VAL A 57 5.25 27.92 -17.44
CA VAL A 57 6.52 28.40 -16.91
C VAL A 57 7.48 27.24 -16.65
N LYS A 58 8.69 27.37 -17.16
CA LYS A 58 9.70 26.33 -16.98
C LYS A 58 10.22 26.35 -15.53
N PRO A 59 10.21 25.18 -14.88
CA PRO A 59 10.68 25.07 -13.49
C PRO A 59 12.19 25.19 -13.37
N LYS A 60 12.66 25.90 -12.35
CA LYS A 60 14.07 25.98 -12.06
C LYS A 60 14.45 24.88 -11.07
N VAL A 61 15.67 24.39 -11.14
CA VAL A 61 16.14 23.39 -10.19
C VAL A 61 16.55 24.07 -8.89
N ALA A 62 16.07 23.53 -7.77
CA ALA A 62 16.36 24.11 -6.46
C ALA A 62 17.84 24.02 -6.12
N SER A 63 18.37 25.06 -5.49
CA SER A 63 19.75 25.07 -5.05
C SER A 63 19.87 24.41 -3.69
N MET A 64 21.11 24.15 -3.26
CA MET A 64 21.38 23.49 -2.00
C MET A 64 20.87 24.33 -0.83
N GLU A 65 21.03 25.65 -0.94
CA GLU A 65 20.63 26.58 0.11
C GLU A 65 19.12 26.77 0.16
N GLU A 66 18.45 26.58 -0.97
CA GLU A 66 16.99 26.66 -1.01
C GLU A 66 16.38 25.43 -0.35
N MET A 67 16.99 24.28 -0.57
CA MET A 67 16.53 23.04 0.06
C MET A 67 16.92 23.01 1.54
N ALA A 68 17.93 23.81 1.89
CA ALA A 68 18.41 23.87 3.27
C ALA A 68 17.54 24.77 4.14
N THR A 69 16.60 25.47 3.52
CA THR A 69 15.69 26.34 4.27
C THR A 69 14.80 25.52 5.19
N PHE A 70 14.67 24.23 4.89
CA PHE A 70 13.92 23.31 5.74
C PHE A 70 14.76 22.10 6.14
N HIS A 71 15.26 21.37 5.15
CA HIS A 71 15.99 20.14 5.41
C HIS A 71 17.39 20.41 5.96
N THR A 72 17.85 19.52 6.82
CA THR A 72 19.18 19.65 7.43
C THR A 72 20.28 19.40 6.41
N ASP A 73 21.44 20.00 6.64
CA ASP A 73 22.58 19.85 5.74
C ASP A 73 23.03 18.39 5.66
N ALA A 74 23.02 17.71 6.81
CA ALA A 74 23.45 16.33 6.88
C ALA A 74 22.56 15.40 6.06
N TYR A 75 21.25 15.64 6.10
CA TYR A 75 20.31 14.86 5.32
C TYR A 75 20.49 15.11 3.82
N LEU A 76 20.69 16.37 3.46
CA LEU A 76 20.89 16.75 2.06
C LEU A 76 22.17 16.14 1.50
N GLN A 77 23.23 16.19 2.29
CA GLN A 77 24.51 15.60 1.89
C GLN A 77 24.38 14.09 1.75
N HIS A 78 23.58 13.48 2.63
CA HIS A 78 23.41 12.03 2.59
C HIS A 78 22.45 11.62 1.47
N LEU A 79 21.49 12.49 1.16
CA LEU A 79 20.59 12.24 0.04
C LEU A 79 21.38 12.27 -1.26
N GLN A 80 22.38 13.14 -1.31
CA GLN A 80 23.23 13.28 -2.48
C GLN A 80 24.18 12.10 -2.62
N LYS A 81 24.48 11.44 -1.51
CA LYS A 81 25.39 10.30 -1.50
C LYS A 81 24.72 9.03 -2.00
N VAL A 82 23.51 8.77 -1.51
CA VAL A 82 22.76 7.58 -1.93
C VAL A 82 22.25 7.73 -3.37
N SER A 83 22.30 8.95 -3.88
CA SER A 83 21.86 9.24 -5.24
C SER A 83 22.93 8.86 -6.26
N GLN A 84 24.16 8.69 -5.79
CA GLN A 84 25.28 8.32 -6.65
C GLN A 84 25.26 6.82 -6.97
N SER A 93 21.83 5.13 4.39
CA SER A 93 21.53 4.92 5.80
C SER A 93 20.03 4.96 6.07
N ILE A 94 19.55 4.03 6.89
CA ILE A 94 18.15 3.94 7.24
C ILE A 94 17.81 4.91 8.36
N GLU A 95 18.80 5.67 8.82
CA GLU A 95 18.59 6.68 9.85
C GLU A 95 17.94 7.93 9.25
N TYR A 96 17.97 8.02 7.93
CA TYR A 96 17.36 9.14 7.22
C TYR A 96 16.16 8.68 6.42
N GLY A 97 15.75 7.43 6.62
CA GLY A 97 14.57 6.90 5.98
C GLY A 97 14.79 6.42 4.56
N LEU A 98 16.03 6.49 4.08
CA LEU A 98 16.35 6.05 2.74
C LEU A 98 16.36 4.53 2.64
N THR A 105 18.14 4.00 -4.12
CA THR A 105 17.83 4.44 -5.47
C THR A 105 19.02 5.12 -6.15
N GLU A 106 18.78 5.73 -7.29
CA GLU A 106 19.83 6.43 -8.03
C GLU A 106 19.26 7.61 -8.81
N GLY A 107 19.87 8.79 -8.65
CA GLY A 107 19.37 9.99 -9.27
C GLY A 107 18.20 10.56 -8.49
N ILE A 108 18.12 10.18 -7.22
CA ILE A 108 16.99 10.59 -6.37
C ILE A 108 17.18 12.03 -5.86
N PHE A 109 18.42 12.48 -5.78
CA PHE A 109 18.70 13.85 -5.37
C PHE A 109 18.28 14.83 -6.46
N ASP A 110 18.53 14.47 -7.71
CA ASP A 110 18.14 15.29 -8.84
C ASP A 110 16.62 15.36 -8.96
N TYR A 111 15.97 14.24 -8.64
CA TYR A 111 14.51 14.17 -8.64
C TYR A 111 13.93 15.13 -7.59
N ALA A 112 14.49 15.07 -6.38
CA ALA A 112 14.02 15.89 -5.27
C ALA A 112 14.23 17.39 -5.57
N ALA A 113 15.40 17.73 -6.09
CA ALA A 113 15.74 19.11 -6.37
C ALA A 113 14.86 19.70 -7.47
N ALA A 114 14.50 18.87 -8.44
CA ALA A 114 13.67 19.31 -9.55
C ALA A 114 12.25 19.65 -9.07
N ILE A 115 11.68 18.79 -8.24
CA ILE A 115 10.35 19.01 -7.70
C ILE A 115 10.35 20.17 -6.71
N GLY A 116 11.34 20.19 -5.82
CA GLY A 116 11.49 21.26 -4.86
C GLY A 116 11.63 22.61 -5.54
N GLY A 117 12.40 22.65 -6.62
CA GLY A 117 12.57 23.87 -7.37
C GLY A 117 11.34 24.27 -8.16
N ALA A 118 10.55 23.28 -8.57
CA ALA A 118 9.33 23.53 -9.32
C ALA A 118 8.28 24.23 -8.44
N THR A 119 8.19 23.80 -7.19
CA THR A 119 7.23 24.38 -6.26
C THR A 119 7.66 25.79 -5.85
N ILE A 120 8.96 25.98 -5.70
CA ILE A 120 9.52 27.29 -5.38
C ILE A 120 9.27 28.26 -6.53
N THR A 121 9.50 27.81 -7.75
CA THR A 121 9.27 28.61 -8.94
C THR A 121 7.81 29.05 -9.00
N ALA A 122 6.91 28.12 -8.72
CA ALA A 122 5.48 28.42 -8.71
C ALA A 122 5.16 29.41 -7.60
N ALA A 123 5.83 29.26 -6.46
CA ALA A 123 5.65 30.18 -5.34
C ALA A 123 6.21 31.55 -5.68
N GLN A 124 7.34 31.56 -6.39
CA GLN A 124 7.98 32.82 -6.80
C GLN A 124 7.09 33.59 -7.76
N CYS A 125 6.40 32.88 -8.65
CA CYS A 125 5.45 33.50 -9.57
C CYS A 125 4.31 34.18 -8.81
N LEU A 126 3.91 33.59 -7.68
CA LEU A 126 2.92 34.18 -6.80
C LEU A 126 3.43 35.48 -6.19
N ILE A 127 4.72 35.48 -5.83
CA ILE A 127 5.35 36.67 -5.28
C ILE A 127 5.45 37.77 -6.32
N ASP A 128 5.85 37.40 -7.54
CA ASP A 128 6.05 38.35 -8.63
C ASP A 128 4.74 38.95 -9.12
N GLY A 129 3.61 38.40 -8.68
CA GLY A 129 2.32 38.87 -9.10
C GLY A 129 2.03 38.50 -10.54
N MET A 130 2.67 37.43 -11.00
CA MET A 130 2.50 36.95 -12.37
C MET A 130 1.14 36.26 -12.52
N CYS A 131 0.59 35.81 -11.41
CA CYS A 131 -0.67 35.07 -11.42
C CYS A 131 -1.31 35.05 -10.04
N LYS A 132 -2.53 34.52 -9.97
CA LYS A 132 -3.21 34.34 -8.69
C LYS A 132 -3.27 32.87 -8.34
N VAL A 133 -2.96 32.02 -9.34
CA VAL A 133 -2.92 30.58 -9.16
C VAL A 133 -1.70 29.99 -9.86
N ALA A 134 -0.89 29.23 -9.13
CA ALA A 134 0.26 28.54 -9.70
C ALA A 134 0.14 27.04 -9.49
N ILE A 135 0.26 26.28 -10.58
CA ILE A 135 0.02 24.84 -10.53
C ILE A 135 1.31 24.01 -10.67
N ASN A 136 1.48 23.06 -9.77
CA ASN A 136 2.56 22.08 -9.84
C ASN A 136 2.05 20.70 -9.42
N TRP A 137 1.42 19.99 -10.35
CA TRP A 137 0.79 18.71 -10.05
C TRP A 137 1.77 17.62 -9.63
N SER A 138 3.04 17.80 -9.97
CA SER A 138 4.07 16.81 -9.64
CA SER A 138 4.06 16.80 -9.63
C SER A 138 4.65 17.04 -8.25
N GLY A 139 4.22 18.12 -7.60
CA GLY A 139 4.66 18.42 -6.25
C GLY A 139 3.65 17.96 -5.22
N GLY A 140 3.84 18.33 -3.97
CA GLY A 140 2.89 18.03 -2.91
C GLY A 140 3.32 16.89 -2.01
N TRP A 141 4.62 16.64 -1.96
CA TRP A 141 5.17 15.56 -1.14
C TRP A 141 5.38 16.04 0.29
N HIS A 142 4.41 15.74 1.14
CA HIS A 142 4.26 16.41 2.43
C HIS A 142 4.66 15.58 3.63
N HIS A 143 5.20 14.38 3.41
CA HIS A 143 5.56 13.50 4.53
C HIS A 143 7.02 13.64 4.93
N ALA A 144 7.84 14.19 4.03
CA ALA A 144 9.27 14.32 4.28
C ALA A 144 9.56 15.21 5.48
N LYS A 145 10.44 14.76 6.35
CA LYS A 145 10.86 15.54 7.51
C LYS A 145 12.14 16.29 7.20
N LYS A 146 12.58 17.11 8.14
CA LYS A 146 13.78 17.92 7.93
C LYS A 146 15.04 17.07 7.82
N ASP A 147 14.95 15.82 8.29
CA ASP A 147 16.09 14.91 8.23
C ASP A 147 15.65 13.46 7.98
N GLU A 148 14.42 13.28 7.51
CA GLU A 148 13.88 11.95 7.28
C GLU A 148 13.02 11.85 6.03
N ALA A 149 13.31 10.88 5.18
CA ALA A 149 12.43 10.54 4.07
C ALA A 149 11.30 9.65 4.59
N SER A 150 10.10 9.85 4.07
CA SER A 150 8.93 9.14 4.58
C SER A 150 7.77 9.17 3.59
N GLY A 151 7.04 8.07 3.50
CA GLY A 151 5.86 7.98 2.64
C GLY A 151 6.11 8.39 1.20
N PHE A 152 7.15 7.82 0.60
CA PHE A 152 7.53 8.09 -0.79
C PHE A 152 7.99 9.54 -1.01
N CYS A 153 8.21 10.27 0.07
CA CYS A 153 8.68 11.64 -0.03
C CYS A 153 10.14 11.75 0.37
N TYR A 154 10.95 12.34 -0.51
CA TYR A 154 12.38 12.50 -0.25
C TYR A 154 12.73 13.95 0.04
N LEU A 155 11.81 14.84 -0.31
CA LEU A 155 12.00 16.27 -0.09
C LEU A 155 10.65 16.95 0.00
N ASN A 156 10.43 17.71 1.07
CA ASN A 156 9.14 18.35 1.29
C ASN A 156 9.02 19.64 0.50
N ASP A 157 8.57 19.53 -0.75
CA ASP A 157 8.43 20.68 -1.63
C ASP A 157 7.33 21.62 -1.15
N ALA A 158 6.39 21.08 -0.37
CA ALA A 158 5.30 21.87 0.19
C ALA A 158 5.84 22.92 1.15
N VAL A 159 6.71 22.49 2.07
CA VAL A 159 7.32 23.39 3.04
C VAL A 159 8.21 24.42 2.33
N LEU A 160 8.99 23.95 1.37
CA LEU A 160 9.89 24.82 0.62
C LEU A 160 9.12 25.89 -0.15
N GLY A 161 7.91 25.55 -0.59
CA GLY A 161 7.06 26.50 -1.26
C GLY A 161 6.47 27.51 -0.30
N ILE A 162 6.14 27.03 0.90
CA ILE A 162 5.59 27.91 1.93
C ILE A 162 6.65 28.88 2.44
N LEU A 163 7.87 28.38 2.61
CA LEU A 163 8.98 29.19 3.10
C LEU A 163 9.37 30.28 2.10
N ARG A 164 9.14 30.01 0.82
CA ARG A 164 9.37 31.02 -0.21
C ARG A 164 8.25 32.07 -0.19
N LEU A 165 7.03 31.61 0.03
CA LEU A 165 5.88 32.52 0.11
C LEU A 165 5.94 33.38 1.37
N ARG A 166 6.75 32.96 2.34
CA ARG A 166 6.90 33.70 3.59
C ARG A 166 7.74 34.96 3.41
N ARG A 167 8.31 35.12 2.22
CA ARG A 167 9.10 36.32 1.93
C ARG A 167 8.20 37.53 1.74
N LYS A 168 6.97 37.30 1.31
CA LYS A 168 6.03 38.38 1.04
C LYS A 168 4.82 38.35 1.97
N PHE A 169 4.30 37.15 2.21
CA PHE A 169 3.08 37.00 3.00
C PHE A 169 3.36 36.67 4.46
N GLU A 170 2.56 37.27 5.35
CA GLU A 170 2.72 37.08 6.78
C GLU A 170 1.87 35.92 7.30
N ARG A 171 0.71 35.73 6.67
CA ARG A 171 -0.21 34.67 7.05
C ARG A 171 -0.46 33.72 5.89
N ILE A 172 -0.05 32.46 6.06
CA ILE A 172 -0.20 31.47 5.01
C ILE A 172 -1.03 30.28 5.48
N LEU A 173 -2.06 29.95 4.73
CA LEU A 173 -2.88 28.78 5.03
C LEU A 173 -2.47 27.59 4.19
N TYR A 174 -2.18 26.48 4.83
CA TYR A 174 -1.89 25.24 4.12
C TYR A 174 -3.06 24.25 4.29
N VAL A 175 -3.63 23.84 3.17
CA VAL A 175 -4.75 22.91 3.19
C VAL A 175 -4.35 21.58 2.54
N ASP A 176 -4.51 20.49 3.28
CA ASP A 176 -4.03 19.18 2.85
C ASP A 176 -5.19 18.21 2.68
N LEU A 177 -5.55 17.92 1.44
CA LEU A 177 -6.69 17.05 1.15
C LEU A 177 -6.25 15.65 0.75
N ASP A 178 -4.99 15.33 1.01
CA ASP A 178 -4.47 13.99 0.79
C ASP A 178 -5.18 13.01 1.71
N LEU A 179 -5.17 11.73 1.35
CA LEU A 179 -5.75 10.70 2.21
C LEU A 179 -5.00 10.62 3.54
N HIS A 180 -3.69 10.86 3.47
CA HIS A 180 -2.82 10.73 4.64
C HIS A 180 -2.56 12.08 5.30
N HIS A 181 -2.30 12.05 6.61
CA HIS A 181 -2.01 13.25 7.38
C HIS A 181 -0.71 13.91 6.94
N GLY A 182 -0.80 15.18 6.57
CA GLY A 182 0.39 15.93 6.19
C GLY A 182 1.26 16.23 7.39
N ASP A 183 1.91 15.19 7.91
CA ASP A 183 2.68 15.29 9.15
C ASP A 183 3.97 16.09 8.97
N GLY A 184 4.57 16.01 7.79
CA GLY A 184 5.82 16.71 7.53
C GLY A 184 5.65 18.22 7.52
N VAL A 185 4.58 18.69 6.90
CA VAL A 185 4.30 20.12 6.80
C VAL A 185 3.85 20.69 8.14
N GLU A 186 3.05 19.91 8.88
CA GLU A 186 2.57 20.34 10.19
C GLU A 186 3.72 20.48 11.18
N ASP A 187 4.56 19.44 11.26
CA ASP A 187 5.71 19.46 12.16
C ASP A 187 6.67 20.58 11.83
N ALA A 188 6.71 20.97 10.55
CA ALA A 188 7.57 22.05 10.09
C ALA A 188 7.19 23.38 10.71
N PHE A 189 5.89 23.59 10.90
CA PHE A 189 5.38 24.86 11.39
C PHE A 189 4.58 24.70 12.69
N SER A 190 4.84 23.62 13.41
CA SER A 190 4.09 23.30 14.62
C SER A 190 4.24 24.36 15.72
N PHE A 191 5.31 25.14 15.66
CA PHE A 191 5.60 26.11 16.70
C PHE A 191 5.42 27.57 16.24
N THR A 192 4.75 27.78 15.12
CA THR A 192 4.56 29.14 14.61
C THR A 192 3.09 29.44 14.32
N SER A 193 2.74 30.72 14.38
CA SER A 193 1.39 31.18 14.09
C SER A 193 1.34 31.89 12.75
N LYS A 194 2.47 31.92 12.06
CA LYS A 194 2.57 32.55 10.75
C LYS A 194 1.95 31.65 9.68
N VAL A 195 2.02 30.34 9.91
CA VAL A 195 1.45 29.37 8.99
C VAL A 195 0.49 28.44 9.72
N MET A 196 -0.75 28.37 9.26
CA MET A 196 -1.71 27.42 9.80
C MET A 196 -1.89 26.26 8.84
N THR A 197 -1.87 25.04 9.37
CA THR A 197 -2.05 23.85 8.55
C THR A 197 -3.39 23.18 8.82
N VAL A 198 -4.20 23.06 7.78
CA VAL A 198 -5.44 22.29 7.87
C VAL A 198 -5.29 20.99 7.09
N SER A 199 -5.59 19.88 7.73
CA SER A 199 -5.47 18.58 7.08
C SER A 199 -6.68 17.70 7.31
N LEU A 200 -7.32 17.29 6.23
CA LEU A 200 -8.35 16.27 6.28
C LEU A 200 -7.74 14.95 5.84
N HIS A 201 -7.86 13.92 6.67
CA HIS A 201 -7.17 12.66 6.40
C HIS A 201 -7.83 11.48 7.11
N LYS A 202 -7.51 10.28 6.64
CA LYS A 202 -7.92 9.07 7.34
C LYS A 202 -7.08 8.88 8.58
N PHE A 203 -7.74 8.68 9.71
CA PHE A 203 -7.05 8.47 10.98
C PHE A 203 -7.52 7.19 11.64
N SER A 204 -6.61 6.23 11.76
CA SER A 204 -6.94 4.92 12.32
C SER A 204 -5.71 4.27 12.92
N PRO A 205 -5.88 3.57 14.05
CA PRO A 205 -4.80 2.85 14.71
C PRO A 205 -4.11 1.85 13.78
N GLY A 206 -2.96 2.24 13.23
CA GLY A 206 -2.23 1.38 12.33
C GLY A 206 -2.07 2.00 10.95
N PHE A 207 -2.88 3.01 10.65
CA PHE A 207 -2.84 3.65 9.34
C PHE A 207 -1.81 4.77 9.29
N PHE A 208 -0.97 4.73 8.26
CA PHE A 208 0.10 5.70 8.07
C PHE A 208 -0.43 7.13 7.96
N PRO A 209 0.24 8.09 8.64
CA PRO A 209 1.43 7.89 9.46
C PRO A 209 1.12 7.77 10.96
N GLY A 210 -0.15 7.63 11.30
CA GLY A 210 -0.55 7.40 12.68
C GLY A 210 -0.81 8.67 13.47
N THR A 211 -0.30 9.80 12.96
CA THR A 211 -0.49 11.08 13.64
C THR A 211 -1.65 11.86 13.04
N GLY A 212 -1.99 12.97 13.69
CA GLY A 212 -3.01 13.85 13.16
C GLY A 212 -4.39 13.69 13.77
N ASP A 213 -4.45 13.32 15.04
CA ASP A 213 -5.73 13.24 15.74
C ASP A 213 -6.30 14.65 15.89
N VAL A 214 -7.59 14.75 16.17
CA VAL A 214 -8.23 16.05 16.30
C VAL A 214 -7.65 16.85 17.47
N SER A 215 -7.13 16.13 18.46
CA SER A 215 -6.51 16.75 19.64
C SER A 215 -5.21 17.46 19.28
N ASP A 216 -4.58 17.00 18.20
CA ASP A 216 -3.35 17.61 17.71
C ASP A 216 -3.63 19.03 17.23
N VAL A 217 -3.09 20.01 17.95
CA VAL A 217 -3.35 21.42 17.63
C VAL A 217 -2.07 22.24 17.56
N GLY A 218 -0.93 21.56 17.46
CA GLY A 218 0.36 22.24 17.43
C GLY A 218 0.90 22.45 18.84
N LEU A 219 2.09 23.02 18.94
CA LEU A 219 2.74 23.21 20.23
C LEU A 219 3.34 24.60 20.39
N GLY A 220 3.29 25.12 21.62
CA GLY A 220 3.89 26.40 21.94
C GLY A 220 3.17 27.60 21.36
N LYS A 221 3.94 28.49 20.73
CA LYS A 221 3.39 29.69 20.12
C LYS A 221 2.46 29.35 18.96
N GLY A 222 2.62 28.17 18.41
CA GLY A 222 1.81 27.74 17.28
C GLY A 222 0.64 26.86 17.70
N ARG A 223 0.29 26.91 18.98
CA ARG A 223 -0.81 26.12 19.50
C ARG A 223 -2.14 26.60 18.90
N TYR A 224 -3.01 25.64 18.58
CA TYR A 224 -4.30 25.89 17.93
C TYR A 224 -4.15 26.40 16.50
N TYR A 225 -2.92 26.39 15.99
CA TYR A 225 -2.67 26.78 14.61
C TYR A 225 -2.38 25.56 13.75
N SER A 226 -2.82 24.39 14.25
CA SER A 226 -2.78 23.16 13.49
C SER A 226 -4.13 22.47 13.60
N VAL A 227 -4.82 22.35 12.47
CA VAL A 227 -6.15 21.75 12.47
C VAL A 227 -6.14 20.38 11.79
N ASN A 228 -6.62 19.37 12.52
CA ASN A 228 -6.67 18.02 11.99
C ASN A 228 -8.10 17.47 12.00
N VAL A 229 -8.52 16.88 10.88
CA VAL A 229 -9.85 16.32 10.77
C VAL A 229 -9.79 14.82 10.47
N PRO A 230 -9.84 13.99 11.52
CA PRO A 230 -9.83 12.54 11.38
C PRO A 230 -11.12 12.01 10.74
N ILE A 231 -10.97 11.32 9.62
CA ILE A 231 -12.11 10.81 8.87
C ILE A 231 -11.99 9.31 8.65
N GLN A 232 -13.11 8.60 8.68
CA GLN A 232 -13.10 7.15 8.50
C GLN A 232 -13.32 6.75 7.05
N ASP A 233 -13.20 5.46 6.76
CA ASP A 233 -13.35 4.93 5.41
C ASP A 233 -14.74 5.17 4.84
N GLY A 234 -14.82 5.24 3.50
CA GLY A 234 -16.09 5.23 2.80
C GLY A 234 -16.75 6.57 2.55
N ILE A 235 -16.15 7.65 3.05
CA ILE A 235 -16.76 8.98 2.91
C ILE A 235 -16.85 9.39 1.44
N GLN A 236 -17.94 10.05 1.08
CA GLN A 236 -18.17 10.47 -0.30
C GLN A 236 -18.29 11.98 -0.40
N ASP A 237 -18.45 12.47 -1.63
CA ASP A 237 -18.40 13.90 -1.95
C ASP A 237 -19.22 14.80 -1.05
N GLU A 238 -20.50 14.46 -0.88
CA GLU A 238 -21.43 15.32 -0.13
C GLU A 238 -20.96 15.58 1.30
N LYS A 239 -20.77 14.52 2.07
CA LYS A 239 -20.38 14.64 3.47
C LYS A 239 -18.99 15.27 3.59
N TYR A 240 -18.12 14.95 2.64
CA TYR A 240 -16.75 15.47 2.64
C TYR A 240 -16.74 16.99 2.51
N TYR A 241 -17.52 17.51 1.57
CA TYR A 241 -17.58 18.95 1.35
C TYR A 241 -18.22 19.67 2.53
N GLN A 242 -19.19 19.03 3.17
CA GLN A 242 -19.85 19.60 4.34
C GLN A 242 -18.85 19.77 5.49
N ILE A 243 -17.92 18.84 5.59
CA ILE A 243 -16.87 18.92 6.59
C ILE A 243 -15.84 19.98 6.18
N CYS A 244 -15.42 19.93 4.92
CA CYS A 244 -14.37 20.80 4.42
C CYS A 244 -14.79 22.27 4.42
N GLU A 245 -16.00 22.55 3.93
CA GLU A 245 -16.50 23.91 3.89
C GLU A 245 -16.71 24.48 5.29
N SER A 246 -17.19 23.64 6.19
CA SER A 246 -17.42 24.04 7.58
C SER A 246 -16.11 24.45 8.24
N VAL A 247 -15.07 23.65 8.02
CA VAL A 247 -13.76 23.92 8.61
C VAL A 247 -13.11 25.15 7.99
N LEU A 248 -13.04 25.19 6.67
CA LEU A 248 -12.38 26.28 5.95
C LEU A 248 -13.06 27.63 6.17
N LYS A 249 -14.36 27.60 6.42
CA LYS A 249 -15.11 28.82 6.69
C LYS A 249 -14.62 29.52 7.95
N GLU A 250 -14.56 28.77 9.05
CA GLU A 250 -14.16 29.32 10.33
C GLU A 250 -12.65 29.50 10.44
N VAL A 251 -11.91 28.80 9.59
CA VAL A 251 -10.47 29.00 9.50
C VAL A 251 -10.20 30.34 8.81
N TYR A 252 -10.91 30.60 7.73
CA TYR A 252 -10.76 31.85 6.98
C TYR A 252 -11.16 33.05 7.83
N GLN A 253 -12.18 32.88 8.66
CA GLN A 253 -12.66 33.96 9.51
C GLN A 253 -11.67 34.27 10.63
N ALA A 254 -11.18 33.22 11.28
CA ALA A 254 -10.29 33.37 12.43
C ALA A 254 -8.86 33.71 11.99
N PHE A 255 -8.29 32.86 11.14
CA PHE A 255 -6.90 33.01 10.74
C PHE A 255 -6.71 34.14 9.74
N ASN A 256 -7.62 34.22 8.76
CA ASN A 256 -7.56 35.22 7.70
C ASN A 256 -6.21 35.24 7.00
N PRO A 257 -5.96 34.25 6.13
CA PRO A 257 -4.67 34.08 5.46
C PRO A 257 -4.45 35.05 4.30
N LYS A 258 -3.20 35.28 3.94
CA LYS A 258 -2.87 36.14 2.81
C LYS A 258 -2.41 35.33 1.61
N ALA A 259 -2.20 34.03 1.82
CA ALA A 259 -1.84 33.12 0.74
C ALA A 259 -2.25 31.69 1.09
N VAL A 260 -2.55 30.89 0.08
CA VAL A 260 -2.99 29.52 0.29
C VAL A 260 -2.13 28.51 -0.46
N VAL A 261 -1.76 27.43 0.22
CA VAL A 261 -1.07 26.31 -0.41
C VAL A 261 -1.96 25.07 -0.36
N LEU A 262 -2.40 24.61 -1.54
CA LEU A 262 -3.37 23.53 -1.61
C LEU A 262 -2.76 22.21 -2.08
N GLN A 263 -2.76 21.22 -1.19
CA GLN A 263 -2.29 19.89 -1.54
C GLN A 263 -3.49 19.01 -1.86
N LEU A 264 -3.51 18.44 -3.05
CA LEU A 264 -4.68 17.71 -3.53
C LEU A 264 -4.38 16.28 -3.95
N GLY A 265 -3.80 15.50 -3.04
CA GLY A 265 -3.51 14.10 -3.31
C GLY A 265 -4.75 13.33 -3.73
N ALA A 266 -4.63 12.58 -4.82
CA ALA A 266 -5.78 11.90 -5.42
C ALA A 266 -5.94 10.47 -4.92
N ASP A 267 -5.32 10.15 -3.80
CA ASP A 267 -5.47 8.82 -3.22
C ASP A 267 -6.69 8.76 -2.30
N THR A 268 -7.54 9.78 -2.39
CA THR A 268 -8.84 9.78 -1.75
C THR A 268 -9.90 9.32 -2.73
N ILE A 269 -9.58 9.39 -4.01
CA ILE A 269 -10.50 9.06 -5.08
C ILE A 269 -10.80 7.57 -5.12
N ALA A 270 -12.07 7.23 -5.37
CA ALA A 270 -12.49 5.85 -5.53
C ALA A 270 -11.69 5.15 -6.63
N GLY A 271 -11.21 3.95 -6.33
CA GLY A 271 -10.43 3.19 -7.29
C GLY A 271 -8.96 3.12 -6.89
N ASP A 272 -8.56 3.99 -5.98
CA ASP A 272 -7.19 4.02 -5.50
C ASP A 272 -6.89 2.76 -4.69
N PRO A 273 -5.70 2.17 -4.90
CA PRO A 273 -5.29 0.95 -4.20
C PRO A 273 -5.27 1.10 -2.68
N MET A 274 -5.19 2.33 -2.19
CA MET A 274 -5.32 2.59 -0.76
C MET A 274 -6.69 2.14 -0.27
N CYS A 275 -7.70 2.36 -1.12
CA CYS A 275 -9.06 1.90 -0.88
C CYS A 275 -9.57 2.31 0.50
N SER A 276 -9.65 3.61 0.75
CA SER A 276 -10.09 4.13 2.03
C SER A 276 -11.30 5.04 1.85
N PHE A 277 -11.07 6.23 1.32
CA PHE A 277 -12.16 7.16 1.03
C PHE A 277 -12.84 6.75 -0.25
N ASN A 278 -14.06 7.25 -0.47
CA ASN A 278 -14.83 6.93 -1.65
C ASN A 278 -15.20 8.20 -2.42
N MET A 279 -14.18 9.00 -2.72
CA MET A 279 -14.38 10.32 -3.32
C MET A 279 -14.34 10.32 -4.84
N THR A 280 -14.92 11.37 -5.43
CA THR A 280 -14.80 11.63 -6.86
C THR A 280 -14.21 13.03 -7.02
N PRO A 281 -13.59 13.31 -8.19
CA PRO A 281 -12.99 14.63 -8.41
C PRO A 281 -13.97 15.79 -8.32
N VAL A 282 -15.27 15.51 -8.41
CA VAL A 282 -16.29 16.55 -8.32
C VAL A 282 -16.38 17.08 -6.89
N GLY A 283 -16.25 16.19 -5.91
CA GLY A 283 -16.28 16.57 -4.51
C GLY A 283 -15.06 17.38 -4.13
N ILE A 284 -13.89 16.95 -4.60
CA ILE A 284 -12.67 17.70 -4.40
C ILE A 284 -12.76 19.04 -5.11
N GLY A 285 -13.42 19.04 -6.26
CA GLY A 285 -13.61 20.25 -7.05
C GLY A 285 -14.36 21.34 -6.31
N LYS A 286 -15.38 20.95 -5.56
CA LYS A 286 -16.18 21.91 -4.80
C LYS A 286 -15.38 22.53 -3.66
N CYS A 287 -14.48 21.75 -3.06
CA CYS A 287 -13.58 22.27 -2.04
C CYS A 287 -12.63 23.28 -2.65
N LEU A 288 -12.19 22.99 -3.87
CA LEU A 288 -11.30 23.87 -4.61
C LEU A 288 -11.98 25.20 -4.95
N LYS A 289 -13.22 25.11 -5.41
CA LYS A 289 -14.00 26.30 -5.75
C LYS A 289 -14.15 27.23 -4.55
N TYR A 290 -14.46 26.65 -3.39
CA TYR A 290 -14.68 27.42 -2.17
C TYR A 290 -13.41 28.13 -1.73
N ILE A 291 -12.26 27.57 -2.08
CA ILE A 291 -10.99 28.17 -1.74
C ILE A 291 -10.62 29.26 -2.74
N LEU A 292 -10.88 29.00 -4.01
CA LEU A 292 -10.54 29.95 -5.07
C LEU A 292 -11.36 31.24 -5.00
N GLN A 293 -12.57 31.15 -4.45
CA GLN A 293 -13.44 32.32 -4.36
C GLN A 293 -12.96 33.30 -3.28
N TRP A 294 -11.94 32.90 -2.52
CA TRP A 294 -11.26 33.80 -1.60
C TRP A 294 -10.42 34.79 -2.41
N GLN A 295 -10.09 34.39 -3.64
CA GLN A 295 -9.30 35.20 -4.55
C GLN A 295 -7.96 35.60 -3.94
N LEU A 296 -7.31 34.64 -3.29
CA LEU A 296 -5.98 34.85 -2.74
C LEU A 296 -4.92 34.20 -3.61
N ALA A 297 -3.65 34.52 -3.36
CA ALA A 297 -2.56 33.84 -4.04
C ALA A 297 -2.57 32.36 -3.65
N THR A 298 -2.87 31.49 -4.60
CA THR A 298 -3.03 30.07 -4.32
C THR A 298 -1.99 29.22 -5.02
N LEU A 299 -1.32 28.38 -4.23
CA LEU A 299 -0.33 27.45 -4.76
C LEU A 299 -0.91 26.04 -4.81
N ILE A 300 -1.16 25.53 -6.01
CA ILE A 300 -1.78 24.22 -6.19
C ILE A 300 -0.74 23.12 -6.37
N LEU A 301 -0.83 22.08 -5.54
CA LEU A 301 0.10 20.95 -5.59
C LEU A 301 -0.63 19.61 -5.69
N GLY A 302 0.05 18.62 -6.25
CA GLY A 302 -0.48 17.27 -6.29
C GLY A 302 -0.14 16.51 -5.03
N GLY A 303 0.42 15.32 -5.19
CA GLY A 303 0.82 14.51 -4.06
C GLY A 303 0.51 13.03 -4.28
N GLY A 304 -0.25 12.44 -3.36
CA GLY A 304 -0.63 11.05 -3.47
C GLY A 304 -1.55 10.80 -4.65
N GLY A 305 -1.85 9.53 -4.91
CA GLY A 305 -2.67 9.15 -6.04
C GLY A 305 -1.99 8.03 -6.81
N TYR A 306 -2.37 6.80 -6.52
CA TYR A 306 -1.61 5.65 -7.00
C TYR A 306 -2.40 4.80 -7.99
N ASN A 307 -3.65 5.20 -8.24
CA ASN A 307 -4.35 4.78 -9.44
C ASN A 307 -4.07 5.85 -10.50
N LEU A 308 -3.14 5.55 -11.40
CA LEU A 308 -2.59 6.56 -12.30
C LEU A 308 -3.62 7.21 -13.21
N ALA A 309 -4.43 6.39 -13.86
CA ALA A 309 -5.46 6.89 -14.76
C ALA A 309 -6.49 7.75 -14.00
N ASN A 310 -6.90 7.27 -12.83
CA ASN A 310 -7.83 8.00 -11.99
C ASN A 310 -7.22 9.30 -11.45
N THR A 311 -5.92 9.26 -11.13
CA THR A 311 -5.21 10.43 -10.66
C THR A 311 -5.15 11.49 -11.76
N ALA A 312 -4.89 11.04 -12.98
CA ALA A 312 -4.87 11.94 -14.12
C ALA A 312 -6.26 12.53 -14.37
N ARG A 313 -7.28 11.70 -14.23
CA ARG A 313 -8.67 12.15 -14.36
C ARG A 313 -8.97 13.29 -13.39
N CYS A 314 -8.55 13.11 -12.14
CA CYS A 314 -8.88 14.05 -11.09
C CYS A 314 -8.23 15.41 -11.30
N TRP A 315 -6.92 15.42 -11.50
CA TRP A 315 -6.17 16.67 -11.61
C TRP A 315 -6.46 17.41 -12.92
N THR A 316 -6.77 16.67 -13.97
CA THR A 316 -7.19 17.29 -15.23
C THR A 316 -8.54 17.98 -15.02
N TYR A 317 -9.44 17.28 -14.34
CA TYR A 317 -10.74 17.85 -13.99
C TYR A 317 -10.58 19.11 -13.14
N LEU A 318 -9.74 19.01 -12.12
CA LEU A 318 -9.51 20.13 -11.20
C LEU A 318 -8.88 21.33 -11.92
N THR A 319 -8.06 21.04 -12.93
CA THR A 319 -7.45 22.11 -13.72
C THR A 319 -8.51 22.84 -14.52
N GLY A 320 -9.49 22.10 -15.02
CA GLY A 320 -10.61 22.68 -15.71
C GLY A 320 -11.44 23.55 -14.78
N VAL A 321 -11.53 23.12 -13.52
CA VAL A 321 -12.22 23.89 -12.50
C VAL A 321 -11.50 25.21 -12.25
N ILE A 322 -10.18 25.15 -12.17
CA ILE A 322 -9.35 26.34 -11.98
C ILE A 322 -9.53 27.31 -13.15
N LEU A 323 -9.68 26.76 -14.35
CA LEU A 323 -9.88 27.56 -15.55
C LEU A 323 -11.34 27.92 -15.77
N GLY A 324 -12.21 27.38 -14.91
CA GLY A 324 -13.64 27.64 -15.00
C GLY A 324 -14.27 27.02 -16.23
N LYS A 325 -13.59 26.02 -16.79
CA LYS A 325 -14.07 25.35 -17.99
C LYS A 325 -14.65 23.97 -17.67
N THR A 326 -15.65 23.57 -18.43
CA THR A 326 -16.22 22.24 -18.31
C THR A 326 -15.63 21.31 -19.36
N LEU A 327 -15.19 20.14 -18.93
CA LEU A 327 -14.49 19.20 -19.80
C LEU A 327 -15.43 18.15 -20.38
N SER A 328 -15.09 17.64 -21.56
CA SER A 328 -15.88 16.60 -22.22
C SER A 328 -15.75 15.27 -21.48
N SER A 329 -16.84 14.52 -21.46
CA SER A 329 -16.90 13.26 -20.70
C SER A 329 -15.99 12.19 -21.29
N GLU A 330 -15.92 12.12 -22.61
CA GLU A 330 -15.08 11.13 -23.27
C GLU A 330 -13.60 11.50 -23.18
N ILE A 331 -12.78 10.52 -22.85
CA ILE A 331 -11.34 10.71 -22.84
C ILE A 331 -10.83 10.93 -24.25
N PRO A 332 -10.18 12.07 -24.50
CA PRO A 332 -9.62 12.39 -25.81
C PRO A 332 -8.59 11.35 -26.23
N ASP A 333 -8.42 11.17 -27.54
CA ASP A 333 -7.42 10.23 -28.02
C ASP A 333 -6.03 10.81 -27.80
N HIS A 334 -5.23 10.10 -27.01
CA HIS A 334 -3.86 10.50 -26.75
C HIS A 334 -3.01 9.28 -26.43
N GLU A 335 -1.79 9.51 -25.96
CA GLU A 335 -0.82 8.45 -25.74
C GLU A 335 -1.30 7.34 -24.80
N PHE A 336 -2.00 7.73 -23.73
CA PHE A 336 -2.35 6.78 -22.68
C PHE A 336 -3.83 6.43 -22.64
N PHE A 337 -4.49 6.46 -23.80
CA PHE A 337 -5.93 6.21 -23.88
C PHE A 337 -6.32 4.82 -23.37
N THR A 338 -5.48 3.83 -23.66
CA THR A 338 -5.78 2.44 -23.29
C THR A 338 -5.75 2.21 -21.78
N ALA A 339 -5.27 3.20 -21.04
CA ALA A 339 -5.16 3.09 -19.58
C ALA A 339 -6.45 3.50 -18.88
N TYR A 340 -7.42 3.97 -19.64
CA TYR A 340 -8.64 4.51 -19.07
C TYR A 340 -9.82 3.54 -19.18
N GLY A 341 -9.52 2.27 -19.43
CA GLY A 341 -10.54 1.25 -19.47
C GLY A 341 -11.13 0.97 -18.11
N PRO A 342 -12.29 0.29 -18.06
CA PRO A 342 -13.01 -0.17 -19.26
C PRO A 342 -14.07 0.82 -19.74
N ASP A 343 -14.15 1.98 -19.10
CA ASP A 343 -15.18 2.96 -19.40
C ASP A 343 -14.70 4.05 -20.36
N TYR A 344 -13.44 4.46 -20.18
CA TYR A 344 -12.82 5.49 -21.02
C TYR A 344 -13.57 6.82 -20.97
N VAL A 345 -14.17 7.11 -19.81
CA VAL A 345 -14.79 8.41 -19.58
C VAL A 345 -14.05 9.14 -18.47
N LEU A 346 -14.26 10.46 -18.39
CA LEU A 346 -13.55 11.28 -17.42
C LEU A 346 -14.10 11.15 -16.01
N GLU A 347 -15.41 10.91 -15.90
CA GLU A 347 -16.07 10.80 -14.60
C GLU A 347 -15.71 9.49 -13.91
N ILE A 348 -15.61 9.56 -12.59
CA ILE A 348 -15.29 8.37 -11.78
C ILE A 348 -16.48 8.01 -10.89
N THR A 349 -16.82 6.73 -10.87
CA THR A 349 -17.95 6.24 -10.08
C THR A 349 -17.50 5.78 -8.71
N PRO A 350 -18.17 6.26 -7.64
CA PRO A 350 -17.89 5.82 -6.28
C PRO A 350 -18.03 4.31 -6.13
N SER A 351 -17.18 3.71 -5.29
CA SER A 351 -17.25 2.27 -5.04
C SER A 351 -18.51 1.92 -4.25
N CYS A 352 -18.87 0.64 -4.28
CA CYS A 352 -20.01 0.16 -3.50
C CYS A 352 -19.56 -0.29 -2.11
N ARG A 353 -18.89 0.61 -1.41
CA ARG A 353 -18.44 0.35 -0.05
C ARG A 353 -19.25 1.19 0.93
N PRO A 354 -19.50 0.65 2.13
CA PRO A 354 -20.29 1.41 3.13
C PRO A 354 -19.51 2.58 3.71
N ASP A 355 -20.24 3.56 4.24
CA ASP A 355 -19.63 4.73 4.87
C ASP A 355 -19.48 4.50 6.36
N ARG A 356 -18.24 4.58 6.85
CA ARG A 356 -17.94 4.31 8.25
C ARG A 356 -18.01 5.57 9.11
N ASN A 357 -18.37 6.69 8.48
CA ASN A 357 -18.46 7.96 9.20
C ASN A 357 -19.85 8.22 9.76
N GLU A 358 -19.98 8.14 11.07
CA GLU A 358 -21.24 8.42 11.75
C GLU A 358 -21.40 9.92 11.96
N PRO A 359 -22.62 10.44 11.76
CA PRO A 359 -22.93 11.87 11.83
C PRO A 359 -22.54 12.52 13.17
N HIS A 360 -22.72 11.80 14.27
CA HIS A 360 -22.42 12.35 15.58
C HIS A 360 -20.92 12.60 15.76
N ARG A 361 -20.11 11.67 15.29
CA ARG A 361 -18.66 11.79 15.42
C ARG A 361 -18.14 13.00 14.67
N ILE A 362 -18.66 13.21 13.46
CA ILE A 362 -18.26 14.33 12.63
C ILE A 362 -18.56 15.66 13.29
N GLN A 363 -19.80 15.83 13.74
CA GLN A 363 -20.21 17.05 14.44
C GLN A 363 -19.41 17.24 15.73
N GLN A 364 -19.10 16.14 16.39
CA GLN A 364 -18.32 16.19 17.62
C GLN A 364 -16.90 16.69 17.33
N ILE A 365 -16.39 16.35 16.15
CA ILE A 365 -15.08 16.81 15.71
C ILE A 365 -15.15 18.26 15.26
N LEU A 366 -16.19 18.58 14.49
CA LEU A 366 -16.39 19.94 13.99
C LEU A 366 -16.51 20.95 15.12
N ASN A 367 -17.29 20.61 16.15
CA ASN A 367 -17.48 21.48 17.31
C ASN A 367 -16.18 21.65 18.09
N TYR A 368 -15.38 20.59 18.12
CA TYR A 368 -14.10 20.62 18.82
C TYR A 368 -13.12 21.57 18.12
N ILE A 369 -13.07 21.47 16.79
CA ILE A 369 -12.23 22.35 15.99
C ILE A 369 -12.73 23.80 16.10
N LYS A 370 -14.04 23.96 16.06
CA LYS A 370 -14.67 25.27 16.20
C LYS A 370 -14.27 25.94 17.50
N GLY A 371 -14.08 25.13 18.54
CA GLY A 371 -13.65 25.63 19.84
C GLY A 371 -12.18 26.04 19.84
N ASN A 372 -11.36 25.29 19.10
CA ASN A 372 -9.94 25.58 19.02
C ASN A 372 -9.66 26.87 18.25
N LEU A 373 -10.46 27.13 17.23
CA LEU A 373 -10.26 28.29 16.38
C LEU A 373 -10.61 29.59 17.10
N LYS A 374 -11.47 29.50 18.12
CA LYS A 374 -11.84 30.66 18.91
C LYS A 374 -10.64 31.20 19.69
N HIS A 375 -9.67 30.33 19.96
CA HIS A 375 -8.46 30.73 20.66
C HIS A 375 -7.52 31.47 19.72
N VAL A 376 -7.73 31.32 18.42
CA VAL A 376 -6.91 32.02 17.42
C VAL A 376 -7.42 33.44 17.23
N VAL A 377 -6.57 34.41 17.59
CA VAL A 377 -6.94 35.82 17.49
C VAL A 377 -5.71 36.71 17.36
N VAL B 15 10.74 -34.16 12.74
CA VAL B 15 11.44 -32.89 12.71
C VAL B 15 11.21 -32.15 11.39
N PRO B 16 10.63 -30.95 11.48
CA PRO B 16 10.29 -30.15 10.29
C PRO B 16 11.53 -29.68 9.54
N VAL B 17 11.39 -29.44 8.24
CA VAL B 17 12.48 -28.93 7.43
C VAL B 17 12.41 -27.40 7.33
N TYR B 18 13.56 -26.76 7.55
CA TYR B 18 13.65 -25.31 7.47
C TYR B 18 14.52 -24.89 6.29
N ILE B 19 13.88 -24.59 5.16
CA ILE B 19 14.59 -24.18 3.97
C ILE B 19 15.37 -22.89 4.22
N TYR B 20 16.69 -22.98 4.22
CA TYR B 20 17.54 -21.83 4.49
C TYR B 20 18.97 -21.98 3.98
N SER B 21 19.53 -20.86 3.54
CA SER B 21 20.95 -20.73 3.30
C SER B 21 21.27 -19.24 3.28
N PRO B 22 22.50 -18.85 3.69
CA PRO B 22 22.92 -17.46 3.65
C PRO B 22 22.73 -16.81 2.28
N GLU B 23 23.02 -17.56 1.22
CA GLU B 23 22.87 -17.06 -0.14
C GLU B 23 21.40 -16.89 -0.53
N TYR B 24 20.55 -17.77 -0.02
CA TYR B 24 19.12 -17.72 -0.33
C TYR B 24 18.44 -16.51 0.29
N VAL B 25 18.77 -16.22 1.55
CA VAL B 25 18.21 -15.07 2.25
C VAL B 25 18.61 -13.76 1.58
N SER B 26 19.87 -13.67 1.16
CA SER B 26 20.36 -12.48 0.46
C SER B 26 19.61 -12.26 -0.85
N MET B 27 19.33 -13.36 -1.55
CA MET B 27 18.63 -13.29 -2.83
C MET B 27 17.19 -12.81 -2.67
N CYS B 28 16.54 -13.27 -1.60
CA CYS B 28 15.15 -12.90 -1.35
C CYS B 28 14.99 -11.41 -1.05
N ASP B 29 16.04 -10.81 -0.52
CA ASP B 29 16.02 -9.38 -0.20
C ASP B 29 16.69 -8.55 -1.28
N SER B 30 17.13 -9.21 -2.34
CA SER B 30 17.90 -8.54 -3.40
C SER B 30 17.08 -7.53 -4.19
N LEU B 31 15.75 -7.66 -4.16
CA LEU B 31 14.88 -6.73 -4.86
C LEU B 31 14.46 -5.58 -3.95
N ALA B 32 14.53 -5.83 -2.64
CA ALA B 32 14.22 -4.83 -1.63
C ALA B 32 12.80 -4.28 -1.75
N LYS B 33 11.87 -5.11 -2.22
CA LYS B 33 10.46 -4.74 -2.27
C LYS B 33 9.95 -4.60 -0.84
N ILE B 34 10.35 -5.54 0.01
CA ILE B 34 10.11 -5.47 1.44
C ILE B 34 11.46 -5.61 2.14
N PRO B 35 12.20 -4.49 2.25
CA PRO B 35 13.61 -4.40 2.63
C PRO B 35 14.03 -5.23 3.84
N LYS B 36 14.91 -6.20 3.60
CA LYS B 36 15.55 -7.00 4.64
C LYS B 36 14.58 -7.81 5.50
N ARG B 37 13.39 -8.10 4.98
CA ARG B 37 12.41 -8.86 5.75
C ARG B 37 12.87 -10.29 5.98
N ALA B 38 13.35 -10.93 4.92
CA ALA B 38 13.81 -12.32 5.00
C ALA B 38 14.96 -12.46 5.99
N ASP B 39 15.83 -11.45 6.02
CA ASP B 39 16.95 -11.44 6.97
C ASP B 39 16.44 -11.24 8.39
N MET B 40 15.48 -10.33 8.55
CA MET B 40 14.89 -10.07 9.86
C MET B 40 14.13 -11.28 10.38
N VAL B 41 13.45 -11.99 9.50
CA VAL B 41 12.69 -13.17 9.87
C VAL B 41 13.62 -14.31 10.31
N HIS B 42 14.66 -14.55 9.52
CA HIS B 42 15.63 -15.59 9.86
C HIS B 42 16.38 -15.29 11.14
N SER B 43 16.76 -14.03 11.30
CA SER B 43 17.57 -13.62 12.45
C SER B 43 16.84 -13.83 13.78
N LEU B 44 15.55 -13.51 13.81
CA LEU B 44 14.77 -13.66 15.03
C LEU B 44 14.57 -15.14 15.39
N ILE B 45 14.30 -15.96 14.37
CA ILE B 45 14.19 -17.40 14.56
C ILE B 45 15.52 -17.95 15.07
N GLU B 46 16.61 -17.44 14.51
CA GLU B 46 17.95 -17.80 14.93
C GLU B 46 18.22 -17.33 16.36
N ALA B 47 17.70 -16.15 16.69
CA ALA B 47 17.88 -15.57 18.01
C ALA B 47 17.19 -16.41 19.08
N TYR B 48 16.10 -17.06 18.69
CA TYR B 48 15.42 -17.99 19.59
C TYR B 48 16.01 -19.39 19.46
N ALA B 49 16.98 -19.54 18.57
CA ALA B 49 17.66 -20.80 18.31
C ALA B 49 16.69 -21.91 17.92
N LEU B 50 15.69 -21.57 17.12
CA LEU B 50 14.70 -22.55 16.66
C LEU B 50 15.24 -23.37 15.49
N HIS B 51 16.27 -22.85 14.84
CA HIS B 51 16.89 -23.55 13.71
C HIS B 51 17.64 -24.79 14.17
N LYS B 52 18.02 -24.80 15.45
CA LYS B 52 18.73 -25.93 16.03
C LYS B 52 17.81 -27.15 16.16
N GLN B 53 16.50 -26.88 16.27
CA GLN B 53 15.52 -27.94 16.43
C GLN B 53 14.90 -28.33 15.09
N MET B 54 15.47 -27.83 14.00
CA MET B 54 14.93 -28.09 12.67
C MET B 54 16.01 -28.62 11.72
N ARG B 55 15.58 -29.40 10.74
CA ARG B 55 16.49 -29.94 9.74
C ARG B 55 16.73 -28.92 8.64
N ILE B 56 17.83 -28.17 8.75
CA ILE B 56 18.15 -27.12 7.79
C ILE B 56 18.52 -27.71 6.43
N VAL B 57 17.78 -27.29 5.41
CA VAL B 57 18.01 -27.77 4.05
C VAL B 57 18.34 -26.63 3.10
N LYS B 58 19.46 -26.76 2.39
CA LYS B 58 19.85 -25.76 1.41
C LYS B 58 18.96 -25.85 0.18
N PRO B 59 18.36 -24.72 -0.22
CA PRO B 59 17.42 -24.68 -1.34
C PRO B 59 18.10 -24.79 -2.71
N LYS B 60 17.47 -25.54 -3.62
CA LYS B 60 17.93 -25.65 -4.99
C LYS B 60 17.44 -24.46 -5.81
N VAL B 61 18.21 -24.05 -6.81
CA VAL B 61 17.77 -23.01 -7.74
C VAL B 61 16.91 -23.64 -8.84
N ALA B 62 15.76 -23.03 -9.11
CA ALA B 62 14.85 -23.54 -10.13
C ALA B 62 15.39 -23.29 -11.54
N SER B 63 15.12 -24.23 -12.44
CA SER B 63 15.52 -24.08 -13.83
C SER B 63 14.37 -23.54 -14.66
N MET B 64 14.58 -23.43 -15.97
CA MET B 64 13.54 -22.96 -16.88
C MET B 64 12.37 -23.92 -16.93
N GLU B 65 12.66 -25.22 -16.94
CA GLU B 65 11.63 -26.25 -17.05
C GLU B 65 10.74 -26.29 -15.81
N GLU B 66 11.34 -26.20 -14.64
CA GLU B 66 10.60 -26.23 -13.39
C GLU B 66 9.68 -25.02 -13.25
N MET B 67 10.17 -23.86 -13.71
CA MET B 67 9.38 -22.64 -13.66
C MET B 67 8.32 -22.62 -14.76
N ALA B 68 8.56 -23.37 -15.83
CA ALA B 68 7.65 -23.40 -16.97
C ALA B 68 6.47 -24.34 -16.73
N THR B 69 6.43 -24.97 -15.57
CA THR B 69 5.32 -25.85 -15.23
C THR B 69 4.06 -25.04 -14.96
N PHE B 70 4.22 -23.72 -14.82
CA PHE B 70 3.09 -22.82 -14.65
C PHE B 70 3.22 -21.57 -15.51
N HIS B 71 4.43 -21.00 -15.55
CA HIS B 71 4.65 -19.76 -16.28
C HIS B 71 4.98 -20.01 -17.75
N THR B 72 4.38 -19.21 -18.63
CA THR B 72 4.62 -19.31 -20.06
C THR B 72 6.08 -19.07 -20.40
N ASP B 73 6.53 -19.62 -21.52
CA ASP B 73 7.90 -19.46 -21.96
C ASP B 73 8.21 -17.99 -22.26
N ALA B 74 7.27 -17.31 -22.91
CA ALA B 74 7.44 -15.91 -23.30
C ALA B 74 7.70 -15.02 -22.09
N TYR B 75 6.99 -15.28 -21.00
CA TYR B 75 7.16 -14.52 -19.78
C TYR B 75 8.52 -14.77 -19.15
N LEU B 76 8.91 -16.04 -19.08
CA LEU B 76 10.19 -16.42 -18.48
C LEU B 76 11.37 -15.97 -19.35
N GLN B 77 11.23 -16.08 -20.66
CA GLN B 77 12.28 -15.63 -21.58
C GLN B 77 12.51 -14.14 -21.44
N HIS B 78 11.44 -13.38 -21.20
CA HIS B 78 11.55 -11.94 -21.01
C HIS B 78 12.36 -11.61 -19.76
N LEU B 79 12.07 -12.30 -18.67
CA LEU B 79 12.78 -12.09 -17.41
C LEU B 79 14.27 -12.38 -17.55
N GLN B 80 14.60 -13.38 -18.35
CA GLN B 80 16.00 -13.75 -18.54
C GLN B 80 16.69 -12.77 -19.49
N LYS B 81 15.92 -12.23 -20.43
CA LYS B 81 16.46 -11.25 -21.36
C LYS B 81 16.85 -9.97 -20.63
N VAL B 82 15.93 -9.42 -19.85
CA VAL B 82 16.19 -8.21 -19.09
C VAL B 82 17.21 -8.45 -17.99
N SER B 83 17.44 -9.72 -17.67
CA SER B 83 18.48 -10.10 -16.72
C SER B 83 19.85 -9.88 -17.35
N GLN B 84 19.90 -9.97 -18.68
CA GLN B 84 21.15 -9.82 -19.41
C GLN B 84 21.23 -8.44 -20.08
N GLU B 85 20.10 -7.74 -20.12
CA GLU B 85 20.05 -6.39 -20.66
C GLU B 85 18.79 -5.66 -20.18
N GLY B 86 18.96 -4.80 -19.18
CA GLY B 86 17.84 -4.11 -18.56
C GLY B 86 17.00 -3.29 -19.51
N SER B 93 5.64 -3.24 -26.61
CA SER B 93 6.23 -4.01 -25.53
C SER B 93 5.18 -4.52 -24.55
N ILE B 94 5.23 -5.80 -24.23
CA ILE B 94 4.30 -6.40 -23.29
C ILE B 94 4.53 -5.90 -21.87
N GLU B 95 3.45 -5.66 -21.15
CA GLU B 95 3.54 -5.14 -19.79
C GLU B 95 4.14 -6.15 -18.83
N TYR B 96 3.53 -7.34 -18.76
CA TYR B 96 3.94 -8.41 -17.86
C TYR B 96 3.84 -8.01 -16.39
N GLY B 97 3.24 -6.86 -16.12
CA GLY B 97 3.12 -6.34 -14.77
C GLY B 97 4.47 -5.99 -14.16
N LEU B 98 5.40 -5.54 -15.01
CA LEU B 98 6.75 -5.20 -14.58
C LEU B 98 6.99 -3.70 -14.62
N GLY B 99 5.91 -2.92 -14.67
CA GLY B 99 6.00 -1.48 -14.81
C GLY B 99 6.59 -0.74 -13.62
N TYR B 100 6.55 -1.37 -12.45
CA TYR B 100 7.03 -0.72 -11.22
C TYR B 100 8.45 -1.13 -10.87
N ASP B 101 9.14 -1.78 -11.80
CA ASP B 101 10.50 -2.25 -11.53
C ASP B 101 11.48 -1.86 -12.65
N CYS B 102 11.14 -0.83 -13.40
CA CYS B 102 11.97 -0.36 -14.51
C CYS B 102 13.46 -0.18 -14.18
N PRO B 103 13.79 0.35 -12.97
CA PRO B 103 15.21 0.37 -12.64
C PRO B 103 15.83 -1.04 -12.57
N ALA B 104 15.53 -1.78 -11.51
CA ALA B 104 16.11 -3.10 -11.32
C ALA B 104 15.25 -4.21 -11.93
N THR B 105 15.51 -4.51 -13.20
CA THR B 105 14.84 -5.62 -13.87
C THR B 105 15.75 -6.84 -13.95
N GLU B 106 17.06 -6.61 -13.83
CA GLU B 106 18.04 -7.67 -14.04
C GLU B 106 18.09 -8.67 -12.89
N GLY B 107 17.56 -8.28 -11.74
CA GLY B 107 17.60 -9.14 -10.57
C GLY B 107 16.37 -10.01 -10.40
N ILE B 108 15.31 -9.68 -11.13
CA ILE B 108 14.02 -10.36 -11.00
C ILE B 108 14.11 -11.86 -11.33
N PHE B 109 14.86 -12.20 -12.37
CA PHE B 109 14.97 -13.60 -12.79
C PHE B 109 15.65 -14.46 -11.73
N ASP B 110 16.79 -13.99 -11.23
CA ASP B 110 17.53 -14.72 -10.20
C ASP B 110 16.71 -14.84 -8.92
N TYR B 111 15.93 -13.80 -8.62
CA TYR B 111 15.02 -13.81 -7.48
C TYR B 111 13.93 -14.87 -7.68
N ALA B 112 13.29 -14.82 -8.84
CA ALA B 112 12.20 -15.73 -9.15
C ALA B 112 12.61 -17.19 -9.08
N ALA B 113 13.77 -17.51 -9.66
CA ALA B 113 14.28 -18.87 -9.68
C ALA B 113 14.63 -19.37 -8.28
N ALA B 114 15.15 -18.47 -7.44
CA ALA B 114 15.50 -18.83 -6.08
C ALA B 114 14.25 -19.10 -5.23
N ILE B 115 13.25 -18.24 -5.37
CA ILE B 115 11.99 -18.41 -4.66
C ILE B 115 11.30 -19.71 -5.08
N GLY B 116 11.15 -19.90 -6.38
CA GLY B 116 10.53 -21.09 -6.92
C GLY B 116 11.26 -22.35 -6.54
N GLY B 117 12.59 -22.31 -6.64
CA GLY B 117 13.41 -23.46 -6.31
C GLY B 117 13.32 -23.85 -4.84
N ALA B 118 13.17 -22.85 -3.98
CA ALA B 118 13.08 -23.09 -2.54
C ALA B 118 11.80 -23.83 -2.19
N THR B 119 10.68 -23.40 -2.77
CA THR B 119 9.40 -24.04 -2.51
C THR B 119 9.36 -25.43 -3.12
N ILE B 120 9.96 -25.58 -4.30
CA ILE B 120 10.05 -26.88 -4.96
C ILE B 120 10.90 -27.83 -4.12
N THR B 121 12.01 -27.31 -3.59
CA THR B 121 12.88 -28.10 -2.72
C THR B 121 12.13 -28.51 -1.45
N ALA B 122 11.27 -27.61 -0.98
CA ALA B 122 10.48 -27.88 0.21
C ALA B 122 9.46 -28.99 -0.05
N ALA B 123 8.80 -28.90 -1.19
CA ALA B 123 7.82 -29.91 -1.59
C ALA B 123 8.50 -31.27 -1.80
N GLN B 124 9.69 -31.25 -2.39
CA GLN B 124 10.44 -32.47 -2.66
C GLN B 124 10.79 -33.22 -1.38
N CYS B 125 11.03 -32.47 -0.30
CA CYS B 125 11.35 -33.08 0.99
C CYS B 125 10.13 -33.79 1.56
N LEU B 126 8.94 -33.27 1.29
CA LEU B 126 7.71 -33.93 1.71
C LEU B 126 7.52 -35.23 0.94
N ILE B 127 7.92 -35.23 -0.32
CA ILE B 127 7.78 -36.40 -1.18
C ILE B 127 8.75 -37.51 -0.78
N ASP B 128 10.00 -37.15 -0.55
CA ASP B 128 11.03 -38.12 -0.18
C ASP B 128 10.78 -38.71 1.20
N GLY B 129 9.94 -38.04 1.99
CA GLY B 129 9.62 -38.50 3.33
C GLY B 129 10.62 -38.01 4.36
N MET B 130 11.39 -36.99 4.00
CA MET B 130 12.36 -36.40 4.90
C MET B 130 11.70 -35.79 6.14
N CYS B 131 10.46 -35.34 5.96
CA CYS B 131 9.74 -34.67 7.04
C CYS B 131 8.24 -34.71 6.81
N LYS B 132 7.50 -34.18 7.78
CA LYS B 132 6.05 -34.05 7.65
C LYS B 132 5.69 -32.59 7.41
N VAL B 133 6.61 -31.69 7.76
CA VAL B 133 6.41 -30.26 7.58
C VAL B 133 7.66 -29.61 6.97
N ALA B 134 7.46 -28.81 5.93
CA ALA B 134 8.55 -28.07 5.32
C ALA B 134 8.26 -26.57 5.34
N ILE B 135 9.21 -25.79 5.83
CA ILE B 135 9.01 -24.35 6.00
C ILE B 135 9.81 -23.51 5.02
N ASN B 136 9.11 -22.61 4.33
CA ASN B 136 9.76 -21.64 3.45
C ASN B 136 9.11 -20.26 3.64
N TRP B 137 9.58 -19.52 4.62
CA TRP B 137 8.97 -18.24 4.98
C TRP B 137 9.13 -17.18 3.89
N SER B 138 10.11 -17.38 3.01
CA SER B 138 10.33 -16.45 1.91
C SER B 138 9.47 -16.80 0.69
N GLY B 139 8.70 -17.87 0.79
CA GLY B 139 7.80 -18.26 -0.28
C GLY B 139 6.39 -17.77 -0.01
N GLY B 140 5.46 -18.11 -0.89
CA GLY B 140 4.06 -17.80 -0.69
C GLY B 140 3.53 -16.62 -1.50
N TRP B 141 4.19 -16.33 -2.62
CA TRP B 141 3.79 -15.21 -3.45
C TRP B 141 2.70 -15.62 -4.43
N HIS B 142 1.46 -15.50 -3.97
CA HIS B 142 0.31 -16.15 -4.59
C HIS B 142 -0.46 -15.32 -5.61
N HIS B 143 -0.02 -14.11 -5.90
CA HIS B 143 -0.76 -13.26 -6.83
C HIS B 143 -0.28 -13.39 -8.27
N ALA B 144 0.91 -13.95 -8.45
CA ALA B 144 1.53 -14.06 -9.76
C ALA B 144 0.69 -14.90 -10.73
N LYS B 145 0.44 -14.35 -11.91
CA LYS B 145 -0.27 -15.07 -12.95
C LYS B 145 0.73 -15.84 -13.80
N LYS B 146 0.24 -16.65 -14.74
CA LYS B 146 1.11 -17.48 -15.55
C LYS B 146 1.99 -16.64 -16.48
N ASP B 147 1.50 -15.47 -16.88
CA ASP B 147 2.26 -14.60 -17.77
C ASP B 147 2.27 -13.15 -17.29
N GLU B 148 2.11 -12.94 -15.99
CA GLU B 148 2.07 -11.58 -15.45
C GLU B 148 2.41 -11.53 -13.96
N ALA B 149 3.31 -10.63 -13.61
CA ALA B 149 3.60 -10.35 -12.21
C ALA B 149 2.49 -9.49 -11.62
N SER B 150 2.24 -9.64 -10.32
CA SER B 150 1.14 -8.93 -9.67
C SER B 150 1.30 -8.93 -8.15
N GLY B 151 1.04 -7.77 -7.55
CA GLY B 151 1.09 -7.63 -6.10
C GLY B 151 2.35 -8.14 -5.45
N PHE B 152 3.49 -7.64 -5.91
CA PHE B 152 4.82 -8.01 -5.40
C PHE B 152 5.15 -9.48 -5.64
N CYS B 153 4.39 -10.13 -6.51
CA CYS B 153 4.65 -11.52 -6.87
C CYS B 153 5.12 -11.61 -8.31
N TYR B 154 6.39 -11.96 -8.50
CA TYR B 154 6.97 -12.04 -9.83
C TYR B 154 6.95 -13.48 -10.33
N LEU B 155 6.77 -14.41 -9.41
CA LEU B 155 6.71 -15.83 -9.73
C LEU B 155 5.93 -16.57 -8.66
N ASN B 156 4.95 -17.36 -9.08
CA ASN B 156 4.08 -18.06 -8.14
C ASN B 156 4.70 -19.35 -7.64
N ASP B 157 5.44 -19.26 -6.54
CA ASP B 157 6.12 -20.42 -5.98
C ASP B 157 5.14 -21.39 -5.32
N ALA B 158 4.01 -20.86 -4.87
CA ALA B 158 2.97 -21.69 -4.27
C ALA B 158 2.45 -22.69 -5.29
N VAL B 159 2.10 -22.19 -6.48
CA VAL B 159 1.64 -23.04 -7.56
C VAL B 159 2.71 -24.07 -7.93
N LEU B 160 3.96 -23.62 -7.98
CA LEU B 160 5.08 -24.50 -8.28
C LEU B 160 5.20 -25.61 -7.24
N GLY B 161 5.01 -25.25 -5.97
CA GLY B 161 5.07 -26.21 -4.89
C GLY B 161 3.97 -27.24 -4.98
N ILE B 162 2.76 -26.79 -5.30
CA ILE B 162 1.62 -27.69 -5.43
C ILE B 162 1.82 -28.66 -6.60
N LEU B 163 2.29 -28.14 -7.72
CA LEU B 163 2.55 -28.95 -8.91
C LEU B 163 3.56 -30.05 -8.63
N ARG B 164 4.54 -29.76 -7.77
CA ARG B 164 5.54 -30.75 -7.41
C ARG B 164 4.95 -31.82 -6.48
N LEU B 165 4.13 -31.37 -5.52
CA LEU B 165 3.48 -32.29 -4.59
C LEU B 165 2.50 -33.22 -5.31
N ARG B 166 1.95 -32.75 -6.42
CA ARG B 166 0.96 -33.51 -7.19
C ARG B 166 1.57 -34.74 -7.88
N ARG B 167 2.89 -34.86 -7.83
CA ARG B 167 3.57 -36.02 -8.41
C ARG B 167 3.36 -37.26 -7.54
N LYS B 168 3.16 -37.05 -6.25
CA LYS B 168 2.95 -38.15 -5.33
C LYS B 168 1.55 -38.12 -4.71
N PHE B 169 1.15 -36.97 -4.20
CA PHE B 169 -0.13 -36.84 -3.50
C PHE B 169 -1.27 -36.56 -4.45
N GLU B 170 -2.36 -37.31 -4.29
CA GLU B 170 -3.47 -37.26 -5.24
C GLU B 170 -4.43 -36.09 -4.98
N ARG B 171 -4.46 -35.60 -3.75
CA ARG B 171 -5.31 -34.46 -3.42
C ARG B 171 -4.60 -33.45 -2.53
N ILE B 172 -4.43 -32.24 -3.06
CA ILE B 172 -3.76 -31.17 -2.32
C ILE B 172 -4.75 -30.12 -1.85
N LEU B 173 -4.70 -29.79 -0.57
CA LEU B 173 -5.47 -28.68 -0.04
C LEU B 173 -4.57 -27.45 0.10
N TYR B 174 -4.96 -26.37 -0.56
CA TYR B 174 -4.24 -25.11 -0.46
C TYR B 174 -4.99 -24.13 0.43
N VAL B 175 -4.38 -23.75 1.54
CA VAL B 175 -5.00 -22.81 2.48
C VAL B 175 -4.27 -21.47 2.46
N ASP B 176 -5.02 -20.42 2.15
CA ASP B 176 -4.44 -19.09 2.01
C ASP B 176 -4.97 -18.15 3.08
N LEU B 177 -4.16 -17.91 4.11
CA LEU B 177 -4.57 -17.06 5.22
C LEU B 177 -4.02 -15.64 5.11
N ASP B 178 -3.53 -15.29 3.92
CA ASP B 178 -3.07 -13.94 3.63
C ASP B 178 -4.26 -12.97 3.69
N LEU B 179 -3.96 -11.67 3.78
CA LEU B 179 -5.02 -10.67 3.80
C LEU B 179 -5.73 -10.60 2.46
N HIS B 180 -4.98 -10.80 1.38
CA HIS B 180 -5.53 -10.67 0.03
C HIS B 180 -5.90 -12.03 -0.55
N HIS B 181 -6.83 -12.01 -1.50
CA HIS B 181 -7.29 -13.23 -2.17
C HIS B 181 -6.17 -13.85 -2.99
N GLY B 182 -5.94 -15.15 -2.78
CA GLY B 182 -4.93 -15.87 -3.54
C GLY B 182 -5.40 -16.18 -4.94
N ASP B 183 -5.59 -15.13 -5.74
CA ASP B 183 -6.17 -15.25 -7.07
C ASP B 183 -5.27 -16.01 -8.03
N GLY B 184 -3.95 -15.90 -7.85
CA GLY B 184 -3.00 -16.58 -8.71
C GLY B 184 -3.07 -18.09 -8.58
N VAL B 185 -3.10 -18.58 -7.34
CA VAL B 185 -3.15 -20.01 -7.09
C VAL B 185 -4.51 -20.59 -7.44
N GLU B 186 -5.57 -19.85 -7.13
CA GLU B 186 -6.93 -20.30 -7.41
C GLU B 186 -7.17 -20.49 -8.91
N ASP B 187 -6.78 -19.49 -9.69
CA ASP B 187 -6.99 -19.54 -11.14
C ASP B 187 -6.17 -20.63 -11.80
N ALA B 188 -5.02 -20.94 -11.23
CA ALA B 188 -4.15 -21.97 -11.75
C ALA B 188 -4.79 -23.36 -11.66
N PHE B 189 -5.68 -23.53 -10.67
CA PHE B 189 -6.31 -24.82 -10.43
C PHE B 189 -7.83 -24.75 -10.46
N SER B 190 -8.38 -23.71 -11.08
CA SER B 190 -9.82 -23.50 -11.06
C SER B 190 -10.58 -24.54 -11.89
N PHE B 191 -9.87 -25.31 -12.69
CA PHE B 191 -10.51 -26.29 -13.57
C PHE B 191 -10.24 -27.73 -13.13
N THR B 192 -9.55 -27.90 -12.01
CA THR B 192 -9.24 -29.25 -11.52
C THR B 192 -9.89 -29.52 -10.17
N SER B 193 -10.14 -30.80 -9.90
CA SER B 193 -10.78 -31.20 -8.65
C SER B 193 -9.81 -31.95 -7.74
N LYS B 194 -8.54 -32.01 -8.16
CA LYS B 194 -7.53 -32.71 -7.39
C LYS B 194 -6.77 -31.75 -6.49
N VAL B 195 -7.03 -30.45 -6.67
CA VAL B 195 -6.45 -29.42 -5.81
C VAL B 195 -7.55 -28.46 -5.37
N MET B 196 -7.86 -28.47 -4.07
CA MET B 196 -8.84 -27.53 -3.54
C MET B 196 -8.14 -26.33 -2.93
N THR B 197 -8.60 -25.13 -3.28
CA THR B 197 -8.03 -23.91 -2.73
C THR B 197 -9.00 -23.25 -1.75
N VAL B 198 -8.54 -23.02 -0.53
CA VAL B 198 -9.33 -22.31 0.46
C VAL B 198 -8.63 -21.00 0.79
N SER B 199 -9.36 -19.90 0.69
CA SER B 199 -8.77 -18.59 0.96
C SER B 199 -9.67 -17.73 1.84
N LEU B 200 -9.11 -17.28 2.96
CA LEU B 200 -9.76 -16.27 3.80
C LEU B 200 -9.10 -14.94 3.54
N HIS B 201 -9.89 -13.94 3.16
CA HIS B 201 -9.32 -12.67 2.72
C HIS B 201 -10.30 -11.52 2.86
N LYS B 202 -9.79 -10.30 2.77
CA LYS B 202 -10.64 -9.12 2.73
C LYS B 202 -11.24 -8.98 1.34
N PHE B 203 -12.56 -8.86 1.27
CA PHE B 203 -13.25 -8.67 0.01
C PHE B 203 -14.13 -7.43 0.07
N SER B 204 -13.74 -6.43 -0.72
CA SER B 204 -14.48 -5.17 -0.77
C SER B 204 -14.23 -4.49 -2.11
N PRO B 205 -15.27 -3.90 -2.70
CA PRO B 205 -15.18 -3.21 -3.98
C PRO B 205 -14.04 -2.20 -4.02
N GLY B 206 -12.97 -2.53 -4.75
CA GLY B 206 -11.81 -1.66 -4.85
C GLY B 206 -10.58 -2.22 -4.16
N PHE B 207 -10.77 -3.24 -3.34
CA PHE B 207 -9.67 -3.84 -2.61
C PHE B 207 -9.00 -4.95 -3.42
N PHE B 208 -7.68 -4.87 -3.56
CA PHE B 208 -6.89 -5.82 -4.32
C PHE B 208 -7.07 -7.26 -3.83
N PRO B 209 -7.17 -8.22 -4.76
CA PRO B 209 -7.18 -8.01 -6.22
C PRO B 209 -8.58 -7.85 -6.80
N GLY B 210 -9.59 -7.77 -5.93
CA GLY B 210 -10.96 -7.53 -6.38
C GLY B 210 -11.76 -8.80 -6.63
N THR B 211 -11.12 -9.95 -6.46
CA THR B 211 -11.80 -11.23 -6.66
C THR B 211 -11.97 -11.99 -5.35
N GLY B 212 -12.59 -13.16 -5.42
CA GLY B 212 -12.70 -14.04 -4.27
C GLY B 212 -13.94 -13.89 -3.44
N ASP B 213 -15.08 -13.62 -4.08
CA ASP B 213 -16.35 -13.60 -3.36
C ASP B 213 -16.76 -15.04 -3.07
N VAL B 214 -17.77 -15.21 -2.23
CA VAL B 214 -18.21 -16.54 -1.83
C VAL B 214 -18.88 -17.27 -2.99
N SER B 215 -19.36 -16.51 -3.97
CA SER B 215 -20.04 -17.09 -5.13
C SER B 215 -19.05 -17.78 -6.06
N ASP B 216 -17.80 -17.35 -6.01
CA ASP B 216 -16.75 -17.95 -6.83
CA ASP B 216 -16.75 -17.95 -6.83
C ASP B 216 -16.35 -19.32 -6.30
N VAL B 217 -16.68 -20.36 -7.07
CA VAL B 217 -16.43 -21.73 -6.63
C VAL B 217 -15.60 -22.55 -7.60
N GLY B 218 -15.03 -21.89 -8.60
CA GLY B 218 -14.24 -22.58 -9.61
C GLY B 218 -15.03 -22.87 -10.87
N LEU B 219 -14.39 -23.45 -11.87
CA LEU B 219 -15.02 -23.69 -13.16
C LEU B 219 -14.90 -25.13 -13.64
N GLY B 220 -15.94 -25.62 -14.31
CA GLY B 220 -15.93 -26.93 -14.92
C GLY B 220 -15.73 -28.07 -13.94
N LYS B 221 -14.69 -28.86 -14.17
CA LYS B 221 -14.35 -29.98 -13.30
C LYS B 221 -13.96 -29.50 -11.90
N GLY B 222 -13.51 -28.25 -11.83
CA GLY B 222 -13.08 -27.67 -10.56
C GLY B 222 -14.18 -26.93 -9.83
N ARG B 223 -15.40 -27.04 -10.31
CA ARG B 223 -16.55 -26.40 -9.66
C ARG B 223 -16.72 -26.92 -8.23
N TYR B 224 -16.93 -25.99 -7.30
CA TYR B 224 -17.06 -26.27 -5.87
C TYR B 224 -15.74 -26.74 -5.25
N TYR B 225 -14.67 -26.73 -6.05
CA TYR B 225 -13.35 -27.06 -5.53
C TYR B 225 -12.52 -25.79 -5.38
N SER B 226 -13.22 -24.67 -5.25
CA SER B 226 -12.59 -23.40 -4.89
C SER B 226 -13.43 -22.71 -3.83
N VAL B 227 -12.86 -22.54 -2.64
CA VAL B 227 -13.58 -21.94 -1.53
C VAL B 227 -13.02 -20.57 -1.18
N ASN B 228 -13.90 -19.57 -1.14
CA ASN B 228 -13.50 -18.21 -0.77
C ASN B 228 -14.34 -17.68 0.39
N VAL B 229 -13.67 -17.08 1.36
CA VAL B 229 -14.35 -16.54 2.54
C VAL B 229 -14.14 -15.03 2.65
N PRO B 230 -15.06 -14.24 2.09
CA PRO B 230 -15.01 -12.77 2.15
C PRO B 230 -15.16 -12.24 3.57
N ILE B 231 -14.18 -11.47 4.04
CA ILE B 231 -14.19 -10.93 5.39
C ILE B 231 -13.98 -9.42 5.38
N GLN B 232 -14.67 -8.70 6.26
CA GLN B 232 -14.52 -7.25 6.36
C GLN B 232 -13.47 -6.87 7.40
N ASP B 233 -13.15 -5.58 7.47
CA ASP B 233 -12.10 -5.08 8.33
C ASP B 233 -12.33 -5.30 9.82
N GLY B 234 -11.24 -5.30 10.58
CA GLY B 234 -11.30 -5.27 12.03
C GLY B 234 -11.47 -6.60 12.74
N ILE B 235 -11.47 -7.70 11.98
CA ILE B 235 -11.68 -9.01 12.57
C ILE B 235 -10.49 -9.39 13.45
N GLN B 236 -10.79 -10.04 14.58
CA GLN B 236 -9.75 -10.41 15.54
C GLN B 236 -9.63 -11.92 15.72
N ASP B 237 -8.75 -12.34 16.62
CA ASP B 237 -8.36 -13.75 16.78
C ASP B 237 -9.53 -14.71 16.97
N GLU B 238 -10.40 -14.42 17.92
CA GLU B 238 -11.48 -15.33 18.27
C GLU B 238 -12.43 -15.62 17.10
N LYS B 239 -13.00 -14.57 16.53
CA LYS B 239 -13.95 -14.72 15.44
C LYS B 239 -13.31 -15.34 14.20
N TYR B 240 -12.05 -14.96 13.94
CA TYR B 240 -11.33 -15.48 12.78
C TYR B 240 -11.15 -16.99 12.87
N TYR B 241 -10.83 -17.49 14.06
CA TYR B 241 -10.63 -18.92 14.26
C TYR B 241 -11.94 -19.68 14.16
N GLN B 242 -13.02 -19.06 14.61
CA GLN B 242 -14.35 -19.67 14.50
C GLN B 242 -14.73 -19.85 13.04
N ILE B 243 -14.40 -18.84 12.23
CA ILE B 243 -14.66 -18.91 10.80
C ILE B 243 -13.75 -19.92 10.12
N CYS B 244 -12.48 -19.91 10.49
CA CYS B 244 -11.48 -20.78 9.87
C CYS B 244 -11.72 -22.26 10.19
N GLU B 245 -11.96 -22.56 11.46
CA GLU B 245 -12.18 -23.93 11.89
C GLU B 245 -13.43 -24.52 11.24
N SER B 246 -14.48 -23.72 11.15
CA SER B 246 -15.74 -24.14 10.55
C SER B 246 -15.53 -24.56 9.09
N VAL B 247 -14.76 -23.76 8.36
CA VAL B 247 -14.47 -24.04 6.96
C VAL B 247 -13.56 -25.26 6.82
N LEU B 248 -12.50 -25.30 7.63
CA LEU B 248 -11.51 -26.37 7.54
C LEU B 248 -12.08 -27.73 7.94
N LYS B 249 -13.10 -27.73 8.79
CA LYS B 249 -13.72 -28.98 9.22
C LYS B 249 -14.55 -29.59 8.10
N GLU B 250 -15.35 -28.76 7.44
CA GLU B 250 -16.19 -29.21 6.34
C GLU B 250 -15.34 -29.63 5.14
N VAL B 251 -14.32 -28.85 4.84
CA VAL B 251 -13.42 -29.13 3.74
C VAL B 251 -12.70 -30.47 3.94
N TYR B 252 -12.17 -30.67 5.14
CA TYR B 252 -11.43 -31.89 5.46
C TYR B 252 -12.33 -33.12 5.36
N GLN B 253 -13.59 -32.96 5.77
CA GLN B 253 -14.54 -34.06 5.75
C GLN B 253 -14.97 -34.42 4.32
N ALA B 254 -15.10 -33.40 3.48
CA ALA B 254 -15.63 -33.60 2.13
C ALA B 254 -14.54 -33.88 1.10
N PHE B 255 -13.39 -33.25 1.27
CA PHE B 255 -12.32 -33.34 0.27
C PHE B 255 -11.28 -34.40 0.64
N ASN B 256 -11.06 -34.58 1.93
CA ASN B 256 -10.06 -35.53 2.44
C ASN B 256 -8.70 -35.37 1.76
N PRO B 257 -7.96 -34.31 2.15
CA PRO B 257 -6.67 -34.01 1.53
C PRO B 257 -5.60 -35.04 1.89
N LYS B 258 -4.59 -35.18 1.04
CA LYS B 258 -3.46 -36.05 1.33
C LYS B 258 -2.22 -35.23 1.66
N ALA B 259 -2.22 -33.99 1.18
CA ALA B 259 -1.15 -33.05 1.50
C ALA B 259 -1.71 -31.63 1.57
N VAL B 260 -1.08 -30.79 2.39
CA VAL B 260 -1.57 -29.43 2.59
C VAL B 260 -0.50 -28.38 2.33
N VAL B 261 -0.85 -27.37 1.54
CA VAL B 261 0.00 -26.20 1.37
C VAL B 261 -0.62 -25.02 2.09
N LEU B 262 0.12 -24.44 3.03
CA LEU B 262 -0.41 -23.38 3.88
C LEU B 262 0.32 -22.05 3.69
N GLN B 263 -0.38 -21.09 3.10
CA GLN B 263 0.16 -19.74 2.93
C GLN B 263 -0.21 -18.89 4.13
N LEU B 264 0.78 -18.30 4.79
CA LEU B 264 0.55 -17.58 6.03
C LEU B 264 1.06 -16.13 5.99
N GLY B 265 0.50 -15.34 5.08
CA GLY B 265 0.85 -13.94 4.96
C GLY B 265 0.58 -13.17 6.25
N ALA B 266 1.54 -12.37 6.68
CA ALA B 266 1.45 -11.68 7.96
C ALA B 266 0.86 -10.28 7.86
N ASP B 267 0.25 -9.96 6.72
CA ASP B 267 -0.34 -8.64 6.54
C ASP B 267 -1.77 -8.58 7.09
N THR B 268 -2.16 -9.62 7.83
CA THR B 268 -3.42 -9.63 8.54
C THR B 268 -3.23 -9.16 9.98
N ILE B 269 -1.98 -9.12 10.42
CA ILE B 269 -1.64 -8.84 11.81
C ILE B 269 -1.76 -7.35 12.12
N ALA B 270 -2.33 -7.05 13.27
CA ALA B 270 -2.46 -5.67 13.76
C ALA B 270 -1.13 -4.93 13.69
N GLY B 271 -1.16 -3.70 13.17
CA GLY B 271 0.04 -2.90 13.04
C GLY B 271 0.57 -2.89 11.62
N ASP B 272 0.00 -3.74 10.78
CA ASP B 272 0.39 -3.78 9.37
C ASP B 272 -0.15 -2.57 8.64
N PRO B 273 0.67 -1.94 7.79
CA PRO B 273 0.29 -0.73 7.05
C PRO B 273 -0.93 -0.93 6.15
N MET B 274 -1.28 -2.19 5.88
CA MET B 274 -2.50 -2.51 5.16
C MET B 274 -3.71 -2.08 5.98
N CYS B 275 -3.55 -2.12 7.30
CA CYS B 275 -4.54 -1.63 8.26
C CYS B 275 -5.96 -2.14 7.97
N SER B 276 -6.10 -3.46 7.88
CA SER B 276 -7.40 -4.05 7.57
C SER B 276 -7.89 -4.96 8.70
N PHE B 277 -7.25 -6.12 8.84
CA PHE B 277 -7.60 -7.04 9.92
C PHE B 277 -6.92 -6.64 11.20
N ASN B 278 -7.38 -7.19 12.32
CA ASN B 278 -6.83 -6.87 13.63
C ASN B 278 -6.34 -8.12 14.34
N MET B 279 -5.54 -8.92 13.64
CA MET B 279 -5.11 -10.23 14.12
C MET B 279 -3.81 -10.19 14.90
N THR B 280 -3.58 -11.22 15.71
CA THR B 280 -2.31 -11.46 16.37
C THR B 280 -1.82 -12.85 15.95
N PRO B 281 -0.50 -13.09 16.03
CA PRO B 281 0.06 -14.40 15.65
C PRO B 281 -0.57 -15.58 16.38
N VAL B 282 -1.12 -15.34 17.57
CA VAL B 282 -1.77 -16.39 18.34
C VAL B 282 -3.02 -16.90 17.62
N GLY B 283 -3.77 -15.98 17.01
CA GLY B 283 -4.96 -16.34 16.25
C GLY B 283 -4.62 -17.19 15.05
N ILE B 284 -3.58 -16.79 14.32
CA ILE B 284 -3.11 -17.55 13.18
C ILE B 284 -2.57 -18.91 13.66
N GLY B 285 -1.96 -18.91 14.83
CA GLY B 285 -1.39 -20.10 15.41
C GLY B 285 -2.42 -21.19 15.68
N LYS B 286 -3.61 -20.78 16.10
CA LYS B 286 -4.68 -21.73 16.38
C LYS B 286 -5.17 -22.40 15.09
N CYS B 287 -5.09 -21.66 13.99
CA CYS B 287 -5.44 -22.22 12.68
C CYS B 287 -4.37 -23.21 12.25
N LEU B 288 -3.12 -22.84 12.49
CA LEU B 288 -1.98 -23.70 12.16
C LEU B 288 -2.02 -25.01 12.93
N LYS B 289 -2.40 -24.93 14.20
CA LYS B 289 -2.51 -26.12 15.05
C LYS B 289 -3.57 -27.08 14.53
N TYR B 290 -4.72 -26.54 14.13
CA TYR B 290 -5.82 -27.35 13.65
C TYR B 290 -5.46 -28.08 12.36
N ILE B 291 -4.55 -27.50 11.59
CA ILE B 291 -4.08 -28.12 10.35
C ILE B 291 -3.01 -29.16 10.65
N LEU B 292 -2.14 -28.86 11.61
CA LEU B 292 -1.03 -29.74 11.96
C LEU B 292 -1.49 -31.05 12.59
N GLN B 293 -2.64 -31.02 13.27
CA GLN B 293 -3.17 -32.22 13.92
C GLN B 293 -3.79 -33.18 12.92
N TRP B 294 -3.81 -32.79 11.65
CA TRP B 294 -4.21 -33.69 10.57
C TRP B 294 -3.11 -34.70 10.28
N GLN B 295 -1.90 -34.39 10.75
CA GLN B 295 -0.73 -35.25 10.56
C GLN B 295 -0.45 -35.52 9.08
N LEU B 296 -0.78 -34.55 8.23
CA LEU B 296 -0.54 -34.68 6.80
C LEU B 296 0.70 -33.92 6.38
N ALA B 297 1.26 -34.30 5.23
CA ALA B 297 2.41 -33.60 4.67
C ALA B 297 2.05 -32.14 4.42
N THR B 298 2.68 -31.24 5.17
CA THR B 298 2.30 -29.84 5.14
C THR B 298 3.43 -28.93 4.65
N LEU B 299 3.11 -28.09 3.67
CA LEU B 299 4.07 -27.13 3.14
CA LEU B 299 4.07 -27.12 3.14
C LEU B 299 3.78 -25.73 3.67
N ILE B 300 4.69 -25.21 4.49
CA ILE B 300 4.50 -23.89 5.10
C ILE B 300 5.14 -22.77 4.28
N LEU B 301 4.33 -21.78 3.90
CA LEU B 301 4.82 -20.65 3.13
C LEU B 301 4.47 -19.32 3.81
N GLY B 302 5.27 -18.29 3.53
CA GLY B 302 5.01 -16.97 4.04
C GLY B 302 4.12 -16.18 3.11
N GLY B 303 4.60 -15.05 2.63
CA GLY B 303 3.83 -14.22 1.71
C GLY B 303 3.82 -12.76 2.16
N GLY B 304 2.64 -12.15 2.16
CA GLY B 304 2.48 -10.77 2.58
C GLY B 304 2.87 -10.54 4.02
N GLY B 305 3.04 -9.27 4.39
CA GLY B 305 3.48 -8.91 5.73
C GLY B 305 4.43 -7.74 5.61
N TYR B 306 3.94 -6.54 5.93
CA TYR B 306 4.67 -5.34 5.59
C TYR B 306 5.02 -4.48 6.80
N ASN B 307 4.62 -4.95 7.99
CA ASN B 307 5.25 -4.50 9.22
C ASN B 307 6.39 -5.46 9.51
N LEU B 308 7.60 -5.02 9.20
CA LEU B 308 8.79 -5.88 9.24
C LEU B 308 8.93 -6.65 10.55
N ALA B 309 9.04 -5.92 11.64
CA ALA B 309 9.21 -6.52 12.96
C ALA B 309 8.07 -7.45 13.31
N ASN B 310 6.84 -7.01 13.05
CA ASN B 310 5.65 -7.80 13.34
C ASN B 310 5.58 -9.08 12.52
N THR B 311 5.99 -9.00 11.26
CA THR B 311 6.02 -10.17 10.39
C THR B 311 7.05 -11.18 10.91
N ALA B 312 8.21 -10.67 11.31
CA ALA B 312 9.23 -11.50 11.93
C ALA B 312 8.69 -12.10 13.22
N ARG B 313 8.03 -11.27 14.03
CA ARG B 313 7.39 -11.73 15.26
C ARG B 313 6.42 -12.88 14.99
N CYS B 314 5.58 -12.70 13.99
CA CYS B 314 4.53 -13.66 13.68
C CYS B 314 5.10 -14.99 13.21
N TRP B 315 5.97 -14.94 12.20
CA TRP B 315 6.50 -16.16 11.60
C TRP B 315 7.47 -16.89 12.54
N THR B 316 8.10 -16.14 13.45
CA THR B 316 8.94 -16.76 14.46
C THR B 316 8.07 -17.50 15.48
N TYR B 317 6.97 -16.87 15.87
CA TYR B 317 6.02 -17.47 16.79
C TYR B 317 5.44 -18.76 16.22
N LEU B 318 4.95 -18.67 14.98
CA LEU B 318 4.33 -19.82 14.31
C LEU B 318 5.30 -20.98 14.14
N THR B 319 6.59 -20.65 14.01
CA THR B 319 7.63 -21.68 13.95
C THR B 319 7.68 -22.43 15.28
N GLY B 320 7.60 -21.69 16.37
CA GLY B 320 7.59 -22.28 17.69
C GLY B 320 6.35 -23.12 17.92
N VAL B 321 5.25 -22.75 17.27
CA VAL B 321 4.02 -23.53 17.32
C VAL B 321 4.21 -24.87 16.61
N ILE B 322 4.91 -24.84 15.48
CA ILE B 322 5.22 -26.04 14.72
C ILE B 322 6.14 -26.96 15.54
N LEU B 323 7.05 -26.35 16.29
CA LEU B 323 7.97 -27.10 17.13
C LEU B 323 7.33 -27.52 18.45
N GLY B 324 6.19 -26.93 18.77
CA GLY B 324 5.49 -27.23 20.00
C GLY B 324 6.14 -26.62 21.22
N LYS B 325 6.91 -25.56 21.01
CA LYS B 325 7.61 -24.89 22.09
C LYS B 325 7.09 -23.46 22.30
N THR B 326 7.01 -23.04 23.55
CA THR B 326 6.59 -21.68 23.87
C THR B 326 7.80 -20.75 23.95
N LEU B 327 7.81 -19.73 23.10
CA LEU B 327 8.92 -18.80 23.03
C LEU B 327 8.91 -17.81 24.19
N SER B 328 10.08 -17.30 24.55
CA SER B 328 10.19 -16.30 25.59
C SER B 328 9.55 -14.99 25.15
N SER B 329 8.87 -14.32 26.08
CA SER B 329 8.11 -13.11 25.76
C SER B 329 9.01 -11.94 25.37
N GLU B 330 10.24 -11.92 25.89
CA GLU B 330 11.17 -10.85 25.55
C GLU B 330 11.95 -11.18 24.28
N ILE B 331 12.05 -10.20 23.39
CA ILE B 331 12.84 -10.35 22.17
C ILE B 331 14.32 -10.36 22.51
N PRO B 332 15.01 -11.47 22.17
CA PRO B 332 16.45 -11.59 22.42
C PRO B 332 17.26 -10.59 21.63
N ASP B 333 18.46 -10.26 22.10
CA ASP B 333 19.32 -9.33 21.39
C ASP B 333 19.88 -9.99 20.12
N HIS B 334 19.80 -9.25 19.02
CA HIS B 334 20.36 -9.71 17.75
C HIS B 334 20.56 -8.51 16.82
N GLU B 335 20.76 -8.79 15.55
CA GLU B 335 21.13 -7.75 14.58
C GLU B 335 20.05 -6.67 14.43
N PHE B 336 18.79 -7.05 14.57
CA PHE B 336 17.69 -6.11 14.32
C PHE B 336 16.88 -5.81 15.59
N PHE B 337 17.54 -5.87 16.74
CA PHE B 337 16.88 -5.69 18.03
C PHE B 337 16.25 -4.30 18.18
N THR B 338 16.81 -3.30 17.50
CA THR B 338 16.30 -1.93 17.62
C THR B 338 14.96 -1.74 16.92
N ALA B 339 14.65 -2.63 15.99
CA ALA B 339 13.41 -2.52 15.21
C ALA B 339 12.21 -3.00 15.98
N TYR B 340 12.43 -3.52 17.19
CA TYR B 340 11.35 -4.11 17.97
C TYR B 340 10.88 -3.19 19.09
N GLY B 341 11.26 -1.92 19.02
CA GLY B 341 10.82 -0.95 20.00
C GLY B 341 9.40 -0.49 19.74
N PRO B 342 8.80 0.19 20.73
CA PRO B 342 9.41 0.49 22.02
C PRO B 342 9.14 -0.58 23.08
N ASP B 343 8.48 -1.66 22.68
CA ASP B 343 8.06 -2.70 23.62
C ASP B 343 9.13 -3.78 23.78
N TYR B 344 9.74 -4.18 22.66
CA TYR B 344 10.77 -5.21 22.65
C TYR B 344 10.29 -6.54 23.20
N VAL B 345 9.00 -6.82 23.01
CA VAL B 345 8.44 -8.12 23.37
C VAL B 345 7.90 -8.83 22.12
N LEU B 346 7.59 -10.11 22.25
CA LEU B 346 7.16 -10.93 21.13
C LEU B 346 5.67 -10.75 20.84
N GLU B 347 4.88 -10.59 21.90
CA GLU B 347 3.43 -10.46 21.76
C GLU B 347 3.03 -9.19 21.02
N ILE B 348 1.95 -9.28 20.25
CA ILE B 348 1.44 -8.13 19.52
C ILE B 348 0.05 -7.75 20.02
N THR B 349 -0.11 -6.49 20.41
CA THR B 349 -1.38 -5.99 20.89
C THR B 349 -2.30 -5.61 19.74
N PRO B 350 -3.54 -6.10 19.77
CA PRO B 350 -4.55 -5.70 18.76
C PRO B 350 -4.79 -4.19 18.79
N SER B 351 -5.03 -3.61 17.62
CA SER B 351 -5.31 -2.18 17.53
C SER B 351 -6.68 -1.86 18.10
N CYS B 352 -6.94 -0.57 18.33
CA CYS B 352 -8.23 -0.13 18.85
C CYS B 352 -9.13 0.37 17.73
N ARG B 353 -9.72 -0.55 16.98
CA ARG B 353 -10.65 -0.20 15.92
C ARG B 353 -11.71 -1.30 15.78
N PRO B 354 -12.93 -0.92 15.36
CA PRO B 354 -14.08 -1.83 15.40
C PRO B 354 -14.02 -3.00 14.42
N ASP B 355 -14.79 -4.04 14.71
CA ASP B 355 -14.96 -5.18 13.82
C ASP B 355 -16.16 -4.92 12.90
N ARG B 356 -15.93 -4.91 11.60
CA ARG B 356 -16.98 -4.61 10.63
C ARG B 356 -17.73 -5.86 10.20
N ASN B 357 -17.43 -6.99 10.83
CA ASN B 357 -18.05 -8.25 10.44
C ASN B 357 -19.32 -8.55 11.24
N GLU B 358 -20.47 -8.23 10.64
CA GLU B 358 -21.76 -8.51 11.25
C GLU B 358 -21.98 -10.02 11.32
N PRO B 359 -22.48 -10.50 12.48
CA PRO B 359 -22.62 -11.93 12.76
C PRO B 359 -23.50 -12.69 11.78
N HIS B 360 -24.61 -12.07 11.36
CA HIS B 360 -25.55 -12.73 10.47
CA HIS B 360 -25.55 -12.73 10.47
C HIS B 360 -24.97 -12.90 9.07
N ARG B 361 -24.07 -12.01 8.68
CA ARG B 361 -23.44 -12.09 7.38
C ARG B 361 -22.40 -13.21 7.36
N ILE B 362 -21.70 -13.38 8.48
CA ILE B 362 -20.70 -14.43 8.62
C ILE B 362 -21.32 -15.81 8.50
N GLN B 363 -22.42 -16.03 9.21
CA GLN B 363 -23.13 -17.32 9.16
C GLN B 363 -23.74 -17.55 7.79
N GLN B 364 -24.19 -16.47 7.15
CA GLN B 364 -24.74 -16.55 5.80
C GLN B 364 -23.69 -17.06 4.82
N ILE B 365 -22.46 -16.60 4.99
CA ILE B 365 -21.34 -17.03 4.15
C ILE B 365 -20.97 -18.48 4.42
N LEU B 366 -20.92 -18.85 5.70
CA LEU B 366 -20.55 -20.21 6.08
C LEU B 366 -21.55 -21.24 5.57
N ASN B 367 -22.84 -20.92 5.64
CA ASN B 367 -23.88 -21.80 5.14
C ASN B 367 -23.81 -21.96 3.62
N TYR B 368 -23.40 -20.88 2.96
CA TYR B 368 -23.21 -20.89 1.51
C TYR B 368 -22.08 -21.85 1.13
N ILE B 369 -21.04 -21.87 1.97
CA ILE B 369 -19.88 -22.73 1.73
C ILE B 369 -20.21 -24.19 1.99
N LYS B 370 -20.94 -24.44 3.08
CA LYS B 370 -21.35 -25.81 3.43
C LYS B 370 -22.21 -26.42 2.33
N GLY B 371 -23.04 -25.59 1.71
CA GLY B 371 -23.88 -26.04 0.61
C GLY B 371 -23.06 -26.43 -0.60
N ASN B 372 -22.02 -25.65 -0.89
CA ASN B 372 -21.13 -25.92 -2.01
C ASN B 372 -20.37 -27.24 -1.82
N LEU B 373 -19.88 -27.46 -0.60
CA LEU B 373 -19.07 -28.64 -0.32
C LEU B 373 -19.88 -29.93 -0.33
N LYS B 374 -21.20 -29.79 -0.34
CA LYS B 374 -22.08 -30.96 -0.44
C LYS B 374 -21.99 -31.57 -1.83
N HIS B 375 -21.52 -30.78 -2.80
CA HIS B 375 -21.34 -31.26 -4.17
C HIS B 375 -19.99 -31.95 -4.34
N VAL B 376 -19.10 -31.76 -3.37
CA VAL B 376 -17.77 -32.36 -3.43
C VAL B 376 -17.80 -33.79 -2.90
N VAL B 377 -17.64 -34.76 -3.81
CA VAL B 377 -17.62 -36.17 -3.43
C VAL B 377 -16.44 -36.88 -4.08
#